data_7X6F
#
_entry.id   7X6F
#
_cell.length_a   42.963
_cell.length_b   149.785
_cell.length_c   88.302
_cell.angle_alpha   90.000
_cell.angle_beta   94.649
_cell.angle_gamma   90.000
#
_symmetry.space_group_name_H-M   'P 1 21 1'
#
loop_
_entity.id
_entity.type
_entity.pdbx_description
1 polymer 'Quorum-sensing regulator protein G'
2 non-polymer 'ACETATE ION'
3 non-polymer 1,2-ETHANEDIOL
4 non-polymer SERINE
5 non-polymer 'CITRATE ANION'
6 non-polymer 'MAGNESIUM ION'
7 water water
#
_entity_poly.entity_id   1
_entity_poly.type   'polypeptide(L)'
_entity_poly.pdbx_seq_one_letter_code
;MGSSHHHHHHGGGSENLYFQGCSDIWALQGKSTETNPLYWLRAMDCADRLMPAQSRQQARQYDDGSWQNTFKQGILLADA
KITPYERRQLVARIEALSTEIPAQVRPLYQLWRDGQALQLQLAEERQRYSKLQQSSDSELDTLRQQHHVLQQQLELTTRK
LENLTDIERQLSTRK
;
_entity_poly.pdbx_strand_id   A,B,C,D,E,F
#
loop_
_chem_comp.id
_chem_comp.type
_chem_comp.name
_chem_comp.formula
ACT non-polymer 'ACETATE ION' 'C2 H3 O2 -1'
EDO non-polymer 1,2-ETHANEDIOL 'C2 H6 O2'
FLC non-polymer 'CITRATE ANION' 'C6 H5 O7 -3'
MG non-polymer 'MAGNESIUM ION' 'Mg 2'
#
# COMPACT_ATOMS: atom_id res chain seq x y z
N CYS A 22 -10.65 59.32 -16.63
CA CYS A 22 -9.59 58.33 -16.42
C CYS A 22 -8.21 58.98 -16.58
N SER A 23 -8.10 59.81 -17.61
CA SER A 23 -6.88 60.56 -17.90
C SER A 23 -6.28 61.16 -16.63
N ASP A 24 -7.15 61.66 -15.75
CA ASP A 24 -6.68 62.26 -14.51
C ASP A 24 -6.38 61.21 -13.45
N ILE A 25 -7.01 60.04 -13.52
CA ILE A 25 -6.74 58.99 -12.54
C ILE A 25 -5.29 58.54 -12.64
N TRP A 26 -4.77 58.40 -13.87
CA TRP A 26 -3.38 58.01 -14.06
C TRP A 26 -2.43 59.08 -13.55
N ALA A 27 -2.81 60.34 -13.62
CA ALA A 27 -1.94 61.42 -13.17
C ALA A 27 -1.90 61.56 -11.65
N LEU A 28 -2.95 61.17 -10.94
CA LEU A 28 -3.04 61.45 -9.50
C LEU A 28 -1.92 60.81 -8.71
N GLN A 29 -1.38 61.60 -7.80
CA GLN A 29 -0.35 61.21 -6.87
C GLN A 29 -0.74 61.77 -5.52
N GLY A 30 -0.08 61.28 -4.47
CA GLY A 30 -0.35 61.77 -3.13
C GLY A 30 -0.80 60.71 -2.16
N LYS A 31 -0.57 60.95 -0.86
CA LYS A 31 -0.94 59.98 0.17
C LYS A 31 -2.44 59.72 0.18
N SER A 32 -3.24 60.73 -0.17
CA SER A 32 -4.69 60.56 -0.16
C SER A 32 -5.13 59.48 -1.12
N THR A 33 -4.52 59.44 -2.31
CA THR A 33 -5.01 58.53 -3.33
C THR A 33 -4.32 57.18 -3.28
N GLU A 34 -3.02 57.14 -2.93
CA GLU A 34 -2.28 55.88 -2.82
C GLU A 34 -2.98 54.88 -1.92
N THR A 35 -3.49 55.36 -0.79
CA THR A 35 -4.00 54.53 0.29
C THR A 35 -5.47 54.25 0.17
N ASN A 36 -6.06 54.57 -0.98
CA ASN A 36 -7.50 54.48 -1.14
C ASN A 36 -7.81 53.36 -2.12
N PRO A 37 -8.51 52.30 -1.70
CA PRO A 37 -8.73 51.18 -2.61
C PRO A 37 -9.64 51.53 -3.77
N LEU A 38 -10.46 52.57 -3.63
CA LEU A 38 -11.26 53.07 -4.75
C LEU A 38 -10.41 53.72 -5.84
N TYR A 39 -9.31 54.38 -5.49
CA TYR A 39 -8.46 54.90 -6.55
C TYR A 39 -7.93 53.74 -7.39
N TRP A 40 -7.45 52.70 -6.72
CA TRP A 40 -6.82 51.60 -7.43
C TRP A 40 -7.85 50.79 -8.19
N LEU A 41 -9.06 50.68 -7.64
CA LEU A 41 -10.12 49.99 -8.37
C LEU A 41 -10.50 50.77 -9.62
N ARG A 42 -10.51 52.11 -9.52
CA ARG A 42 -10.85 52.90 -10.70
C ARG A 42 -9.78 52.76 -11.78
N ALA A 43 -8.51 52.79 -11.39
CA ALA A 43 -7.41 52.55 -12.31
C ALA A 43 -7.52 51.19 -12.99
N MET A 44 -7.81 50.13 -12.22
CA MET A 44 -8.02 48.82 -12.85
C MET A 44 -9.23 48.84 -13.76
N ASP A 45 -10.30 49.50 -13.33
CA ASP A 45 -11.45 49.68 -14.22
C ASP A 45 -11.06 50.42 -15.49
N CYS A 46 -10.28 51.49 -15.35
CA CYS A 46 -9.97 52.32 -16.51
C CYS A 46 -9.02 51.62 -17.47
N ALA A 47 -8.13 50.75 -16.95
CA ALA A 47 -7.24 50.04 -17.84
C ALA A 47 -8.01 49.08 -18.75
N ASP A 48 -9.13 48.54 -18.23
CA ASP A 48 -9.98 47.60 -18.99
C ASP A 48 -10.58 48.24 -20.22
N ARG A 49 -10.85 49.54 -20.17
CA ARG A 49 -11.45 50.19 -21.32
C ARG A 49 -10.47 50.41 -22.46
N LEU A 50 -9.22 49.99 -22.30
CA LEU A 50 -8.16 50.37 -23.24
C LEU A 50 -7.95 49.24 -24.24
N MET A 51 -7.77 49.61 -25.51
N MET A 51 -7.78 49.62 -25.51
CA MET A 51 -7.26 48.66 -26.47
CA MET A 51 -7.25 48.67 -26.48
C MET A 51 -5.90 48.15 -26.00
C MET A 51 -5.91 48.16 -25.99
N PRO A 52 -5.63 46.85 -26.12
CA PRO A 52 -4.34 46.33 -25.60
C PRO A 52 -3.08 47.07 -26.06
N ALA A 53 -3.00 47.52 -27.32
CA ALA A 53 -1.85 48.33 -27.75
C ALA A 53 -1.74 49.61 -26.94
N GLN A 54 -2.88 50.22 -26.60
CA GLN A 54 -2.85 51.46 -25.84
C GLN A 54 -2.36 51.23 -24.43
N SER A 55 -2.82 50.11 -23.81
CA SER A 55 -2.35 49.70 -22.49
C SER A 55 -0.85 49.51 -22.48
N ARG A 56 -0.32 48.71 -23.41
CA ARG A 56 1.12 48.50 -23.50
C ARG A 56 1.84 49.83 -23.62
N GLN A 57 1.38 50.69 -24.54
CA GLN A 57 2.05 51.97 -24.75
C GLN A 57 2.01 52.80 -23.47
N GLN A 58 0.87 52.84 -22.78
CA GLN A 58 0.76 53.72 -21.60
C GLN A 58 1.61 53.22 -20.43
N ALA A 59 1.69 51.90 -20.22
CA ALA A 59 2.57 51.30 -19.22
C ALA A 59 3.99 51.85 -19.28
N ARG A 60 4.48 52.21 -20.48
CA ARG A 60 5.86 52.64 -20.63
C ARG A 60 6.18 53.88 -19.80
N GLN A 61 5.18 54.71 -19.51
CA GLN A 61 5.40 55.94 -18.73
C GLN A 61 5.71 55.66 -17.26
N TYR A 62 5.21 54.55 -16.71
CA TYR A 62 5.24 54.32 -15.27
C TYR A 62 6.41 53.43 -14.87
N ASP A 63 7.61 53.94 -15.13
CA ASP A 63 8.86 53.20 -14.95
C ASP A 63 9.85 53.96 -14.08
N ASP A 64 9.38 54.79 -13.14
CA ASP A 64 10.35 55.38 -12.21
C ASP A 64 10.74 54.43 -11.08
N GLY A 65 10.30 53.17 -11.09
CA GLY A 65 10.73 52.20 -10.10
C GLY A 65 10.14 52.36 -8.71
N SER A 66 9.34 53.39 -8.48
N SER A 66 9.33 53.38 -8.48
CA SER A 66 8.60 53.47 -7.24
CA SER A 66 8.58 53.47 -7.24
C SER A 66 7.47 52.43 -7.23
C SER A 66 7.46 52.44 -7.24
N TRP A 67 6.94 52.15 -6.04
CA TRP A 67 5.91 51.12 -5.92
C TRP A 67 4.59 51.61 -6.48
N GLN A 68 4.29 52.91 -6.34
CA GLN A 68 3.08 53.44 -6.97
C GLN A 68 3.14 53.26 -8.47
N ASN A 69 4.31 53.49 -9.07
CA ASN A 69 4.43 53.43 -10.53
C ASN A 69 4.60 52.01 -11.04
N THR A 70 5.20 51.12 -10.24
CA THR A 70 5.25 49.73 -10.65
C THR A 70 3.87 49.09 -10.65
N PHE A 71 3.00 49.52 -9.73
CA PHE A 71 1.66 48.99 -9.66
C PHE A 71 0.79 49.51 -10.81
N LYS A 72 0.88 50.82 -11.12
CA LYS A 72 0.19 51.35 -12.29
C LYS A 72 0.63 50.66 -13.59
N GLN A 73 1.94 50.56 -13.80
CA GLN A 73 2.47 49.91 -15.00
C GLN A 73 1.98 48.48 -15.11
N GLY A 74 2.05 47.72 -14.00
CA GLY A 74 1.56 46.37 -14.00
C GLY A 74 0.08 46.29 -14.32
N ILE A 75 -0.72 47.16 -13.70
CA ILE A 75 -2.15 47.24 -14.01
C ILE A 75 -2.36 47.46 -15.51
N LEU A 76 -1.56 48.32 -16.14
CA LEU A 76 -1.77 48.59 -17.56
C LEU A 76 -1.27 47.43 -18.43
N LEU A 77 -0.07 46.91 -18.13
CA LEU A 77 0.51 45.79 -18.87
C LEU A 77 -0.35 44.54 -18.81
N ALA A 78 -1.11 44.36 -17.72
CA ALA A 78 -1.95 43.17 -17.56
C ALA A 78 -3.11 43.12 -18.54
N ASP A 79 -3.48 44.23 -19.14
CA ASP A 79 -4.48 44.25 -20.20
C ASP A 79 -3.86 44.29 -21.58
N ALA A 80 -2.53 44.21 -21.68
CA ALA A 80 -1.80 44.52 -22.90
C ALA A 80 -1.42 43.30 -23.73
N LYS A 81 -1.77 42.09 -23.30
CA LYS A 81 -1.58 40.92 -24.17
C LYS A 81 -0.09 40.61 -24.25
N ILE A 82 0.48 40.23 -23.12
CA ILE A 82 1.91 40.07 -23.00
C ILE A 82 2.26 38.61 -23.21
N THR A 83 3.53 38.34 -23.51
CA THR A 83 4.05 36.98 -23.55
C THR A 83 4.14 36.39 -22.12
N PRO A 84 4.17 35.06 -22.02
CA PRO A 84 4.42 34.41 -20.72
C PRO A 84 5.67 34.92 -20.01
N TYR A 85 6.69 35.29 -20.75
CA TYR A 85 7.92 35.74 -20.12
C TYR A 85 7.77 37.16 -19.57
N GLU A 86 7.00 37.99 -20.28
CA GLU A 86 6.71 39.30 -19.75
C GLU A 86 5.88 39.17 -18.47
N ARG A 87 4.94 38.21 -18.43
N ARG A 87 4.94 38.23 -18.45
CA ARG A 87 4.15 38.06 -17.21
CA ARG A 87 4.14 38.00 -17.25
C ARG A 87 5.00 37.55 -16.04
C ARG A 87 5.02 37.58 -16.07
N ARG A 88 5.91 36.62 -16.32
CA ARG A 88 6.82 36.13 -15.27
C ARG A 88 7.54 37.30 -14.60
N GLN A 89 8.13 38.19 -15.39
CA GLN A 89 8.79 39.36 -14.82
C GLN A 89 7.81 40.29 -14.13
N LEU A 90 6.61 40.47 -14.70
CA LEU A 90 5.61 41.34 -14.08
C LEU A 90 5.24 40.85 -12.68
N VAL A 91 4.87 39.56 -12.57
CA VAL A 91 4.52 38.99 -11.28
C VAL A 91 5.71 39.10 -10.31
N ALA A 92 6.94 38.91 -10.80
CA ALA A 92 8.12 39.14 -9.94
C ALA A 92 8.14 40.56 -9.42
N ARG A 93 7.94 41.54 -10.30
CA ARG A 93 7.92 42.93 -9.84
C ARG A 93 6.76 43.18 -8.88
N ILE A 94 5.58 42.63 -9.19
CA ILE A 94 4.39 42.86 -8.36
C ILE A 94 4.63 42.32 -6.95
N GLU A 95 5.14 41.09 -6.86
CA GLU A 95 5.48 40.52 -5.55
C GLU A 95 6.55 41.33 -4.82
N ALA A 96 7.49 41.97 -5.54
CA ALA A 96 8.63 42.60 -4.88
C ALA A 96 8.18 43.64 -3.89
N LEU A 97 7.16 44.40 -4.27
CA LEU A 97 6.76 45.59 -3.54
C LEU A 97 5.67 45.31 -2.52
N SER A 98 5.42 44.04 -2.19
CA SER A 98 4.27 43.74 -1.34
C SER A 98 4.39 44.40 0.02
N THR A 99 5.61 44.70 0.49
CA THR A 99 5.74 45.29 1.81
C THR A 99 5.41 46.76 1.83
N GLU A 100 5.31 47.40 0.67
CA GLU A 100 4.93 48.79 0.61
C GLU A 100 3.44 48.98 0.36
N ILE A 101 2.69 47.91 0.15
CA ILE A 101 1.28 48.15 -0.16
C ILE A 101 0.57 48.60 1.11
N PRO A 102 -0.11 49.76 1.10
CA PRO A 102 -0.81 50.21 2.32
C PRO A 102 -1.77 49.13 2.77
N ALA A 103 -1.92 49.02 4.09
CA ALA A 103 -2.71 47.93 4.65
C ALA A 103 -4.11 47.90 4.05
N GLN A 104 -4.75 49.05 3.99
CA GLN A 104 -6.14 49.09 3.51
C GLN A 104 -6.27 48.75 2.04
N VAL A 105 -5.16 48.82 1.28
CA VAL A 105 -5.10 48.42 -0.12
C VAL A 105 -4.69 46.96 -0.31
N ARG A 106 -4.15 46.30 0.71
CA ARG A 106 -3.63 44.94 0.51
C ARG A 106 -4.64 43.94 -0.04
N PRO A 107 -5.89 43.84 0.47
CA PRO A 107 -6.85 42.89 -0.13
C PRO A 107 -7.02 43.04 -1.62
N LEU A 108 -7.16 44.28 -2.12
CA LEU A 108 -7.35 44.50 -3.55
C LEU A 108 -6.10 44.10 -4.34
N TYR A 109 -4.94 44.55 -3.85
CA TYR A 109 -3.66 44.21 -4.45
C TYR A 109 -3.45 42.71 -4.53
N GLN A 110 -3.81 41.99 -3.46
CA GLN A 110 -3.58 40.56 -3.42
C GLN A 110 -4.46 39.84 -4.43
N LEU A 111 -5.72 40.25 -4.53
CA LEU A 111 -6.64 39.62 -5.48
C LEU A 111 -6.20 39.90 -6.91
N TRP A 112 -5.73 41.12 -7.18
CA TRP A 112 -5.22 41.45 -8.50
C TRP A 112 -3.95 40.67 -8.79
N ARG A 113 -3.09 40.50 -7.78
CA ARG A 113 -1.87 39.73 -7.99
C ARG A 113 -2.17 38.24 -8.15
N ASP A 114 -3.13 37.71 -7.39
CA ASP A 114 -3.53 36.31 -7.58
C ASP A 114 -3.93 36.08 -9.02
N GLY A 115 -4.63 37.07 -9.61
CA GLY A 115 -5.03 36.97 -11.01
C GLY A 115 -3.85 36.86 -11.95
N GLN A 116 -2.77 37.64 -11.70
CA GLN A 116 -1.62 37.57 -12.61
C GLN A 116 -0.84 36.26 -12.43
N ALA A 117 -0.70 35.79 -11.17
CA ALA A 117 -0.01 34.53 -10.89
C ALA A 117 -0.73 33.32 -11.47
N LEU A 118 -2.07 33.29 -11.42
CA LEU A 118 -2.83 32.16 -11.97
C LEU A 118 -2.75 32.12 -13.50
N GLN A 119 -2.84 33.29 -14.13
CA GLN A 119 -2.61 33.36 -15.58
C GLN A 119 -1.19 32.91 -15.90
N LEU A 120 -0.25 33.15 -14.97
CA LEU A 120 1.13 32.71 -15.19
C LEU A 120 1.26 31.21 -15.01
N GLN A 121 0.60 30.65 -14.00
CA GLN A 121 0.62 29.19 -13.87
C GLN A 121 -0.01 28.51 -15.10
N LEU A 122 -1.06 29.11 -15.68
CA LEU A 122 -1.74 28.48 -16.80
C LEU A 122 -0.86 28.47 -18.06
N ALA A 123 -0.13 29.55 -18.32
CA ALA A 123 0.88 29.49 -19.38
C ALA A 123 1.91 28.40 -19.10
N GLU A 124 2.28 28.20 -17.83
CA GLU A 124 3.30 27.21 -17.48
C GLU A 124 2.76 25.80 -17.70
N GLU A 125 1.56 25.51 -17.19
CA GLU A 125 0.96 24.21 -17.41
C GLU A 125 0.81 23.91 -18.89
N ARG A 126 0.45 24.92 -19.69
CA ARG A 126 0.34 24.69 -21.13
C ARG A 126 1.69 24.37 -21.73
N GLN A 127 2.75 25.07 -21.28
CA GLN A 127 4.10 24.72 -21.72
C GLN A 127 4.48 23.31 -21.29
N ARG A 128 4.09 22.91 -20.06
CA ARG A 128 4.32 21.53 -19.63
C ARG A 128 3.63 20.54 -20.56
N TYR A 129 2.38 20.83 -20.92
CA TYR A 129 1.60 19.97 -21.81
C TYR A 129 2.20 19.91 -23.21
N SER A 130 2.86 20.97 -23.66
CA SER A 130 3.49 20.92 -24.98
C SER A 130 4.76 20.08 -24.93
N LYS A 131 5.52 20.13 -23.84
CA LYS A 131 6.75 19.34 -23.80
C LYS A 131 6.44 17.86 -23.73
N LEU A 132 5.37 17.48 -23.04
CA LEU A 132 4.96 16.08 -22.97
C LEU A 132 4.51 15.58 -24.34
N GLN A 133 3.59 16.32 -24.98
CA GLN A 133 3.11 15.96 -26.31
C GLN A 133 4.24 15.92 -27.33
N GLN A 134 5.17 16.89 -27.26
CA GLN A 134 6.29 16.93 -28.20
C GLN A 134 7.18 15.71 -28.03
N SER A 135 7.60 15.43 -26.80
CA SER A 135 8.58 14.38 -26.56
C SER A 135 7.96 12.99 -26.71
N SER A 136 6.75 12.78 -26.15
CA SER A 136 6.13 11.47 -26.24
C SER A 136 5.72 11.12 -27.67
N ASP A 137 5.30 12.10 -28.46
CA ASP A 137 4.92 11.80 -29.84
C ASP A 137 6.14 11.47 -30.68
N SER A 138 7.28 12.08 -30.38
CA SER A 138 8.47 11.83 -31.19
C SER A 138 9.14 10.53 -30.80
N GLU A 139 9.11 10.17 -29.51
CA GLU A 139 9.59 8.86 -29.09
C GLU A 139 8.66 7.76 -29.55
N LEU A 140 7.36 8.05 -29.66
CA LEU A 140 6.44 7.12 -30.29
C LEU A 140 6.80 6.90 -31.75
N ASP A 141 6.95 7.98 -32.52
CA ASP A 141 7.28 7.87 -33.93
C ASP A 141 8.63 7.19 -34.14
N THR A 142 9.61 7.51 -33.29
CA THR A 142 10.92 6.86 -33.38
C THR A 142 10.82 5.37 -33.14
N LEU A 143 9.96 4.95 -32.20
CA LEU A 143 9.74 3.53 -31.96
C LEU A 143 9.17 2.83 -33.18
N ARG A 144 8.19 3.45 -33.84
CA ARG A 144 7.60 2.87 -35.04
C ARG A 144 8.59 2.85 -36.20
N GLN A 145 9.50 3.82 -36.28
CA GLN A 145 10.60 3.72 -37.22
C GLN A 145 11.42 2.47 -36.95
N GLN A 146 11.72 2.22 -35.67
CA GLN A 146 12.48 1.03 -35.32
C GLN A 146 11.69 -0.24 -35.55
N HIS A 147 10.38 -0.23 -35.27
CA HIS A 147 9.52 -1.39 -35.46
C HIS A 147 9.41 -1.80 -36.91
N HIS A 148 9.75 -0.90 -37.84
CA HIS A 148 9.80 -1.22 -39.25
C HIS A 148 11.19 -1.71 -39.67
N VAL A 149 12.23 -0.98 -39.26
CA VAL A 149 13.60 -1.40 -39.54
C VAL A 149 13.87 -2.79 -38.94
N LEU A 150 13.57 -2.96 -37.66
CA LEU A 150 13.75 -4.26 -37.03
C LEU A 150 12.92 -5.34 -37.70
N GLN A 151 11.68 -5.01 -38.08
CA GLN A 151 10.81 -5.99 -38.73
C GLN A 151 11.43 -6.45 -40.05
N GLN A 152 11.84 -5.50 -40.89
CA GLN A 152 12.44 -5.84 -42.18
C GLN A 152 13.69 -6.71 -41.99
N GLN A 153 14.56 -6.34 -41.04
CA GLN A 153 15.75 -7.13 -40.76
C GLN A 153 15.39 -8.57 -40.39
N LEU A 154 14.35 -8.75 -39.58
CA LEU A 154 13.99 -10.11 -39.17
C LEU A 154 13.58 -10.95 -40.38
N GLU A 155 12.78 -10.37 -41.28
CA GLU A 155 12.34 -11.10 -42.46
C GLU A 155 13.50 -11.41 -43.38
N LEU A 156 14.33 -10.41 -43.68
CA LEU A 156 15.54 -10.62 -44.49
C LEU A 156 16.37 -11.75 -43.91
N THR A 157 16.60 -11.72 -42.60
CA THR A 157 17.35 -12.79 -41.95
C THR A 157 16.65 -14.12 -42.14
N THR A 158 15.33 -14.16 -41.94
CA THR A 158 14.62 -15.39 -42.17
C THR A 158 14.77 -15.85 -43.62
N ARG A 159 14.94 -14.90 -44.55
CA ARG A 159 15.12 -15.25 -45.95
C ARG A 159 16.49 -15.88 -46.19
N LYS A 160 17.55 -15.30 -45.62
CA LYS A 160 18.88 -15.88 -45.79
C LYS A 160 18.96 -17.28 -45.19
N LEU A 161 18.14 -17.55 -44.16
CA LEU A 161 18.12 -18.85 -43.52
C LEU A 161 17.52 -19.92 -44.43
N GLU A 162 16.55 -19.55 -45.26
CA GLU A 162 15.99 -20.49 -46.22
C GLU A 162 16.91 -20.70 -47.41
N ASN A 163 17.48 -19.62 -47.95
CA ASN A 163 18.45 -19.72 -49.04
C ASN A 163 19.85 -20.03 -48.55
N LEU A 164 19.99 -20.65 -47.38
CA LEU A 164 21.25 -21.30 -47.03
C LEU A 164 21.41 -22.54 -47.89
N THR A 165 22.62 -22.78 -48.36
CA THR A 165 22.94 -23.78 -49.39
C THR A 165 22.07 -25.03 -49.40
N CYS B 22 -14.27 40.85 12.41
CA CYS B 22 -14.61 40.13 11.19
C CYS B 22 -15.94 39.39 11.28
N SER B 23 -16.29 38.91 12.48
CA SER B 23 -17.50 38.09 12.63
C SER B 23 -18.77 38.86 12.31
N ASP B 24 -18.80 40.17 12.64
CA ASP B 24 -19.98 40.97 12.31
C ASP B 24 -20.10 41.20 10.81
N ILE B 25 -18.97 41.27 10.10
CA ILE B 25 -18.94 41.76 8.73
C ILE B 25 -19.94 41.01 7.85
N TRP B 26 -20.08 39.70 8.07
CA TRP B 26 -20.94 38.88 7.20
C TRP B 26 -22.43 39.18 7.40
N ALA B 27 -22.84 39.67 8.57
CA ALA B 27 -24.26 39.86 8.82
C ALA B 27 -24.84 41.04 8.04
N LEU B 28 -24.04 42.06 7.78
CA LEU B 28 -24.51 43.34 7.24
C LEU B 28 -25.32 43.16 5.95
N GLN B 29 -26.33 44.02 5.79
CA GLN B 29 -27.15 44.04 4.59
C GLN B 29 -27.66 45.47 4.34
N GLY B 30 -28.27 45.68 3.20
CA GLY B 30 -28.81 46.97 2.82
C GLY B 30 -28.03 47.61 1.69
N LYS B 31 -28.63 48.67 1.14
CA LYS B 31 -28.07 49.30 -0.06
C LYS B 31 -26.76 50.03 0.22
N SER B 32 -26.60 50.60 1.42
CA SER B 32 -25.39 51.33 1.73
C SER B 32 -24.17 50.42 1.79
N THR B 33 -24.37 49.12 1.98
CA THR B 33 -23.25 48.18 2.01
C THR B 33 -23.16 47.29 0.79
N GLU B 34 -24.28 46.94 0.15
CA GLU B 34 -24.17 46.10 -1.04
C GLU B 34 -23.50 46.84 -2.20
N THR B 35 -23.68 48.15 -2.29
CA THR B 35 -23.06 48.94 -3.36
C THR B 35 -21.68 49.42 -2.99
N ASN B 36 -21.06 48.81 -2.00
CA ASN B 36 -19.90 49.37 -1.30
C ASN B 36 -18.69 48.48 -1.51
N PRO B 37 -17.74 48.88 -2.36
CA PRO B 37 -16.59 47.99 -2.64
C PRO B 37 -15.65 47.83 -1.47
N LEU B 38 -15.57 48.80 -0.56
CA LEU B 38 -14.74 48.58 0.60
C LEU B 38 -15.35 47.52 1.50
N TYR B 39 -16.68 47.46 1.53
CA TYR B 39 -17.35 46.41 2.30
C TYR B 39 -16.93 45.04 1.78
N TRP B 40 -17.04 44.83 0.47
CA TRP B 40 -16.72 43.54 -0.10
C TRP B 40 -15.22 43.26 -0.04
N LEU B 41 -14.38 44.29 -0.11
CA LEU B 41 -12.95 44.05 0.09
C LEU B 41 -12.68 43.50 1.48
N ARG B 42 -13.29 44.11 2.51
CA ARG B 42 -13.06 43.64 3.87
C ARG B 42 -13.58 42.22 4.01
N ALA B 43 -14.71 41.92 3.36
CA ALA B 43 -15.23 40.56 3.41
C ALA B 43 -14.26 39.58 2.74
N MET B 44 -13.68 39.94 1.60
CA MET B 44 -12.67 39.07 1.00
C MET B 44 -11.50 38.85 1.94
N ASP B 45 -11.13 39.89 2.70
CA ASP B 45 -10.05 39.74 3.65
C ASP B 45 -10.47 38.86 4.83
N CYS B 46 -11.66 39.09 5.39
CA CYS B 46 -12.11 38.26 6.49
C CYS B 46 -12.22 36.78 6.12
N ALA B 47 -12.58 36.46 4.87
CA ALA B 47 -12.67 35.04 4.46
C ALA B 47 -11.32 34.34 4.60
N ASP B 48 -10.23 35.02 4.22
CA ASP B 48 -8.89 34.47 4.39
C ASP B 48 -8.60 34.05 5.84
N ARG B 49 -9.14 34.77 6.82
CA ARG B 49 -8.87 34.43 8.22
C ARG B 49 -9.55 33.14 8.67
N LEU B 50 -10.48 32.59 7.89
CA LEU B 50 -11.23 31.42 8.31
C LEU B 50 -10.51 30.13 7.92
N MET B 51 -10.65 29.10 8.77
CA MET B 51 -10.38 27.72 8.36
C MET B 51 -11.58 27.14 7.62
N PRO B 52 -11.35 26.16 6.73
CA PRO B 52 -12.45 25.61 5.89
C PRO B 52 -13.72 25.26 6.63
N ALA B 53 -13.62 24.59 7.79
CA ALA B 53 -14.82 24.29 8.57
C ALA B 53 -15.55 25.57 8.97
N GLN B 54 -14.81 26.54 9.49
CA GLN B 54 -15.40 27.87 9.70
C GLN B 54 -16.00 28.40 8.40
N SER B 55 -15.30 28.21 7.28
CA SER B 55 -15.74 28.80 6.03
C SER B 55 -17.08 28.21 5.59
N ARG B 56 -17.23 26.89 5.70
CA ARG B 56 -18.46 26.26 5.27
C ARG B 56 -19.60 26.55 6.24
N GLN B 57 -19.30 26.62 7.54
CA GLN B 57 -20.33 26.94 8.51
C GLN B 57 -20.90 28.33 8.25
N GLN B 58 -20.06 29.29 7.86
CA GLN B 58 -20.59 30.63 7.64
C GLN B 58 -21.40 30.70 6.35
N ALA B 59 -21.00 29.94 5.33
CA ALA B 59 -21.70 30.01 4.05
C ALA B 59 -23.13 29.50 4.16
N ARG B 60 -23.34 28.47 5.00
CA ARG B 60 -24.66 27.90 5.22
C ARG B 60 -25.66 28.95 5.68
N GLN B 61 -25.20 30.06 6.22
CA GLN B 61 -26.09 31.07 6.77
C GLN B 61 -26.52 32.11 5.73
N TYR B 62 -26.09 31.96 4.47
CA TYR B 62 -26.37 32.95 3.42
C TYR B 62 -26.73 32.19 2.16
N ASP B 63 -27.95 31.67 2.13
CA ASP B 63 -28.34 30.74 1.09
C ASP B 63 -29.52 31.20 0.24
N ASP B 64 -30.17 32.32 0.60
CA ASP B 64 -31.51 32.60 0.07
C ASP B 64 -31.57 32.60 -1.45
N GLY B 65 -30.46 32.90 -2.12
CA GLY B 65 -30.42 32.95 -3.57
C GLY B 65 -30.29 34.34 -4.14
N SER B 66 -30.42 35.38 -3.31
CA SER B 66 -30.13 36.75 -3.75
C SER B 66 -28.65 36.90 -4.12
N TRP B 67 -28.35 37.92 -4.92
CA TRP B 67 -26.97 38.07 -5.37
C TRP B 67 -26.03 38.42 -4.22
N GLN B 68 -26.51 39.20 -3.23
CA GLN B 68 -25.68 39.45 -2.07
C GLN B 68 -25.27 38.14 -1.43
N ASN B 69 -26.26 37.30 -1.12
CA ASN B 69 -26.03 36.07 -0.35
C ASN B 69 -25.15 35.10 -1.11
N THR B 70 -25.37 34.99 -2.43
CA THR B 70 -24.56 34.09 -3.25
C THR B 70 -23.15 34.61 -3.50
N PHE B 71 -23.01 35.93 -3.68
CA PHE B 71 -21.66 36.51 -3.71
C PHE B 71 -20.94 36.28 -2.37
N LYS B 72 -21.69 36.32 -1.25
CA LYS B 72 -21.10 36.02 0.04
C LYS B 72 -20.65 34.57 0.13
N GLN B 73 -21.49 33.63 -0.34
CA GLN B 73 -21.16 32.21 -0.32
C GLN B 73 -19.96 31.88 -1.20
N GLY B 74 -19.89 32.49 -2.38
CA GLY B 74 -18.72 32.28 -3.21
C GLY B 74 -17.46 32.79 -2.55
N ILE B 75 -17.53 33.95 -1.89
CA ILE B 75 -16.34 34.50 -1.28
C ILE B 75 -15.85 33.60 -0.14
N LEU B 76 -16.79 33.10 0.67
CA LEU B 76 -16.39 32.24 1.80
C LEU B 76 -15.84 30.90 1.31
N LEU B 77 -16.49 30.27 0.33
CA LEU B 77 -16.16 28.91 -0.02
C LEU B 77 -15.02 28.80 -1.03
N ALA B 78 -14.70 29.90 -1.74
CA ALA B 78 -13.70 29.85 -2.81
C ALA B 78 -12.38 29.27 -2.34
N ASP B 79 -12.01 29.53 -1.08
CA ASP B 79 -10.76 29.03 -0.53
C ASP B 79 -10.98 27.97 0.55
N ALA B 80 -12.13 27.31 0.55
CA ALA B 80 -12.48 26.33 1.57
C ALA B 80 -12.22 24.88 1.13
N LYS B 81 -11.16 24.63 0.35
CA LYS B 81 -10.78 23.27 -0.05
C LYS B 81 -11.95 22.55 -0.74
N ILE B 82 -12.46 23.18 -1.80
CA ILE B 82 -13.61 22.65 -2.54
C ILE B 82 -13.14 22.03 -3.85
N THR B 83 -14.04 21.25 -4.48
CA THR B 83 -13.77 20.56 -5.74
C THR B 83 -14.06 21.48 -6.93
N PRO B 84 -13.46 21.18 -8.09
CA PRO B 84 -13.76 22.00 -9.28
C PRO B 84 -15.23 22.02 -9.66
N TYR B 85 -15.91 20.87 -9.58
CA TYR B 85 -17.35 20.88 -9.85
C TYR B 85 -18.07 21.82 -8.90
N GLU B 86 -17.68 21.80 -7.63
CA GLU B 86 -18.31 22.69 -6.66
C GLU B 86 -17.96 24.13 -6.94
N ARG B 87 -16.69 24.41 -7.27
CA ARG B 87 -16.28 25.76 -7.63
C ARG B 87 -17.09 26.28 -8.80
N ARG B 88 -17.23 25.45 -9.86
CA ARG B 88 -18.04 25.83 -11.02
C ARG B 88 -19.47 26.15 -10.63
N GLN B 89 -20.05 25.35 -9.73
CA GLN B 89 -21.41 25.64 -9.28
C GLN B 89 -21.49 27.00 -8.59
N LEU B 90 -20.56 27.29 -7.68
CA LEU B 90 -20.59 28.60 -7.01
C LEU B 90 -20.56 29.74 -8.01
N VAL B 91 -19.63 29.67 -8.97
CA VAL B 91 -19.45 30.79 -9.88
C VAL B 91 -20.68 30.96 -10.76
N ALA B 92 -21.36 29.87 -11.13
CA ALA B 92 -22.52 30.00 -12.03
C ALA B 92 -23.70 30.65 -11.31
N ARG B 93 -23.84 30.37 -10.01
CA ARG B 93 -24.94 30.96 -9.25
C ARG B 93 -24.85 32.49 -9.20
N ILE B 94 -23.67 33.04 -8.89
CA ILE B 94 -23.50 34.49 -8.86
C ILE B 94 -23.36 35.08 -10.27
N GLU B 95 -22.85 34.31 -11.24
CA GLU B 95 -22.78 34.81 -12.61
C GLU B 95 -24.18 35.02 -13.19
N ALA B 96 -25.10 34.08 -12.95
CA ALA B 96 -26.47 34.22 -13.39
C ALA B 96 -27.12 35.49 -12.86
N LEU B 97 -26.62 36.01 -11.74
CA LEU B 97 -27.18 37.24 -11.19
C LEU B 97 -26.30 38.45 -11.45
N SER B 98 -25.28 38.30 -12.29
CA SER B 98 -24.25 39.33 -12.38
C SER B 98 -24.76 40.64 -12.97
N THR B 99 -25.88 40.63 -13.70
CA THR B 99 -26.41 41.89 -14.20
C THR B 99 -26.88 42.80 -13.07
N GLU B 100 -27.10 42.26 -11.89
CA GLU B 100 -27.62 43.06 -10.78
C GLU B 100 -26.55 43.76 -9.97
N ILE B 101 -25.29 43.35 -10.09
CA ILE B 101 -24.26 43.92 -9.21
C ILE B 101 -24.15 45.41 -9.48
N PRO B 102 -24.14 46.25 -8.44
CA PRO B 102 -24.05 47.70 -8.65
C PRO B 102 -22.82 48.08 -9.44
N ALA B 103 -22.87 49.26 -10.05
CA ALA B 103 -21.77 49.71 -10.91
C ALA B 103 -20.46 49.74 -10.15
N GLN B 104 -20.51 50.21 -8.91
CA GLN B 104 -19.32 50.40 -8.10
C GLN B 104 -18.70 49.09 -7.64
N VAL B 105 -19.47 48.00 -7.59
CA VAL B 105 -18.93 46.73 -7.18
C VAL B 105 -18.48 45.91 -8.39
N ARG B 106 -18.98 46.24 -9.59
CA ARG B 106 -18.73 45.42 -10.78
C ARG B 106 -17.25 45.14 -11.04
N PRO B 107 -16.35 46.13 -11.04
CA PRO B 107 -14.93 45.80 -11.29
C PRO B 107 -14.32 44.94 -10.20
N LEU B 108 -14.79 45.05 -8.97
CA LEU B 108 -14.36 44.12 -7.92
C LEU B 108 -14.87 42.71 -8.21
N TYR B 109 -16.13 42.60 -8.66
CA TYR B 109 -16.66 41.28 -9.02
C TYR B 109 -15.91 40.65 -10.19
N GLN B 110 -15.63 41.41 -11.25
CA GLN B 110 -14.96 40.79 -12.38
C GLN B 110 -13.57 40.31 -12.00
N LEU B 111 -12.89 41.04 -11.12
CA LEU B 111 -11.64 40.57 -10.53
C LEU B 111 -11.85 39.23 -9.84
N TRP B 112 -12.86 39.16 -8.97
CA TRP B 112 -13.00 37.94 -8.19
C TRP B 112 -13.50 36.78 -9.06
N ARG B 113 -14.30 37.07 -10.08
CA ARG B 113 -14.76 35.99 -10.94
C ARG B 113 -13.64 35.45 -11.80
N ASP B 114 -12.76 36.32 -12.30
CA ASP B 114 -11.70 35.83 -13.18
C ASP B 114 -10.72 34.94 -12.40
N GLY B 115 -10.47 35.28 -11.13
CA GLY B 115 -9.70 34.38 -10.29
C GLY B 115 -10.31 32.99 -10.23
N GLN B 116 -11.62 32.91 -9.93
CA GLN B 116 -12.31 31.63 -9.90
C GLN B 116 -12.29 30.98 -11.28
N ALA B 117 -12.47 31.77 -12.32
CA ALA B 117 -12.48 31.25 -13.68
C ALA B 117 -11.13 30.64 -14.07
N LEU B 118 -10.03 31.28 -13.67
CA LEU B 118 -8.71 30.72 -13.98
C LEU B 118 -8.46 29.43 -13.20
N GLN B 119 -8.92 29.37 -11.94
CA GLN B 119 -8.84 28.13 -11.17
C GLN B 119 -9.55 27.00 -11.88
N LEU B 120 -10.71 27.29 -12.46
CA LEU B 120 -11.46 26.27 -13.19
C LEU B 120 -10.68 25.81 -14.43
N GLN B 121 -10.01 26.76 -15.11
CA GLN B 121 -9.21 26.39 -16.27
C GLN B 121 -8.02 25.55 -15.85
N LEU B 122 -7.41 25.89 -14.71
CA LEU B 122 -6.22 25.15 -14.28
C LEU B 122 -6.58 23.71 -13.93
N ALA B 123 -7.73 23.49 -13.28
CA ALA B 123 -8.17 22.12 -13.00
C ALA B 123 -8.46 21.36 -14.29
N GLU B 124 -9.11 22.00 -15.26
CA GLU B 124 -9.33 21.36 -16.57
C GLU B 124 -8.01 20.97 -17.24
N GLU B 125 -7.01 21.86 -17.16
CA GLU B 125 -5.70 21.61 -17.77
C GLU B 125 -4.90 20.55 -17.02
N ARG B 126 -5.05 20.48 -15.70
CA ARG B 126 -4.34 19.42 -15.01
C ARG B 126 -4.95 18.06 -15.29
N GLN B 127 -6.27 18.00 -15.52
CA GLN B 127 -6.93 16.77 -15.91
C GLN B 127 -6.53 16.34 -17.32
N ARG B 128 -6.57 17.29 -18.27
CA ARG B 128 -6.08 17.04 -19.61
C ARG B 128 -4.64 16.52 -19.60
N TYR B 129 -3.81 17.06 -18.71
CA TYR B 129 -2.41 16.62 -18.65
C TYR B 129 -2.30 15.21 -18.10
N SER B 130 -2.98 14.94 -16.98
CA SER B 130 -3.04 13.59 -16.45
C SER B 130 -3.46 12.58 -17.50
N LYS B 131 -4.48 12.93 -18.30
CA LYS B 131 -4.97 12.04 -19.35
C LYS B 131 -3.85 11.66 -20.31
N LEU B 132 -3.20 12.67 -20.90
CA LEU B 132 -2.14 12.43 -21.87
C LEU B 132 -0.98 11.67 -21.24
N GLN B 133 -0.62 12.01 -20.01
CA GLN B 133 0.41 11.25 -19.32
C GLN B 133 -0.01 9.79 -19.20
N GLN B 134 -1.27 9.57 -18.79
CA GLN B 134 -1.77 8.22 -18.61
C GLN B 134 -1.79 7.47 -19.93
N SER B 135 -2.28 8.12 -20.99
CA SER B 135 -2.48 7.40 -22.24
C SER B 135 -1.18 7.22 -23.00
N SER B 136 -0.33 8.25 -23.05
CA SER B 136 0.94 8.09 -23.74
C SER B 136 1.84 7.09 -23.02
N ASP B 137 1.88 7.15 -21.67
CA ASP B 137 2.61 6.16 -20.88
C ASP B 137 2.27 4.73 -21.30
N SER B 138 0.97 4.40 -21.30
CA SER B 138 0.57 3.03 -21.58
C SER B 138 0.89 2.65 -23.02
N GLU B 139 0.72 3.60 -23.96
CA GLU B 139 1.15 3.34 -25.33
C GLU B 139 2.67 3.25 -25.44
N LEU B 140 3.40 3.99 -24.62
CA LEU B 140 4.86 3.94 -24.64
C LEU B 140 5.40 2.64 -24.06
N ASP B 141 4.69 2.03 -23.11
CA ASP B 141 5.16 0.79 -22.52
C ASP B 141 4.94 -0.40 -23.45
N THR B 142 3.79 -0.47 -24.12
CA THR B 142 3.54 -1.58 -25.05
C THR B 142 4.53 -1.58 -26.19
N LEU B 143 4.82 -0.40 -26.75
CA LEU B 143 5.74 -0.31 -27.88
C LEU B 143 7.19 -0.53 -27.47
N ARG B 144 7.56 -0.12 -26.25
CA ARG B 144 8.92 -0.39 -25.78
C ARG B 144 9.12 -1.88 -25.51
N GLN B 145 8.08 -2.56 -25.01
CA GLN B 145 8.17 -4.00 -24.81
C GLN B 145 8.25 -4.74 -26.15
N GLN B 146 7.42 -4.35 -27.11
CA GLN B 146 7.50 -4.94 -28.44
C GLN B 146 8.90 -4.76 -29.03
N HIS B 147 9.54 -3.61 -28.77
CA HIS B 147 10.85 -3.34 -29.33
C HIS B 147 11.91 -4.27 -28.73
N HIS B 148 11.87 -4.48 -27.42
CA HIS B 148 12.83 -5.37 -26.78
C HIS B 148 12.63 -6.80 -27.25
N VAL B 149 11.38 -7.28 -27.24
CA VAL B 149 11.10 -8.66 -27.64
C VAL B 149 11.56 -8.93 -29.06
N LEU B 150 11.23 -8.02 -29.98
CA LEU B 150 11.67 -8.21 -31.37
C LEU B 150 13.18 -8.13 -31.49
N GLN B 151 13.84 -7.34 -30.64
CA GLN B 151 15.30 -7.31 -30.64
C GLN B 151 15.87 -8.69 -30.30
N GLN B 152 15.28 -9.37 -29.31
CA GLN B 152 15.83 -10.66 -28.93
C GLN B 152 15.56 -11.71 -29.99
N GLN B 153 14.38 -11.67 -30.61
CA GLN B 153 14.11 -12.53 -31.76
C GLN B 153 15.16 -12.34 -32.82
N LEU B 154 15.49 -11.08 -33.12
CA LEU B 154 16.45 -10.83 -34.19
C LEU B 154 17.86 -11.25 -33.79
N GLU B 155 18.24 -11.07 -32.52
CA GLU B 155 19.56 -11.52 -32.10
C GLU B 155 19.70 -13.03 -32.30
N LEU B 156 18.66 -13.79 -31.98
CA LEU B 156 18.73 -15.24 -31.97
C LEU B 156 18.77 -15.79 -33.39
N THR B 157 17.91 -15.26 -34.25
CA THR B 157 17.94 -15.62 -35.66
C THR B 157 19.24 -15.15 -36.32
N THR B 158 19.82 -14.05 -35.87
CA THR B 158 21.02 -13.52 -36.52
C THR B 158 22.24 -14.36 -36.16
N ARG B 159 22.37 -14.75 -34.88
CA ARG B 159 23.44 -15.65 -34.49
C ARG B 159 23.27 -17.04 -35.08
N LYS B 160 22.03 -17.47 -35.28
CA LYS B 160 21.80 -18.75 -35.93
C LYS B 160 22.25 -18.71 -37.39
N LEU B 161 21.85 -17.65 -38.12
CA LEU B 161 22.28 -17.49 -39.50
C LEU B 161 23.79 -17.50 -39.60
N GLU B 162 24.45 -16.76 -38.71
CA GLU B 162 25.90 -16.69 -38.76
C GLU B 162 26.52 -18.03 -38.40
N ASN B 163 25.98 -18.71 -37.37
CA ASN B 163 26.51 -20.03 -37.04
C ASN B 163 26.38 -20.98 -38.23
N LEU B 164 25.28 -20.92 -38.97
CA LEU B 164 25.13 -21.84 -40.09
C LEU B 164 25.99 -21.43 -41.27
N THR B 165 26.24 -20.13 -41.40
CA THR B 165 27.06 -19.61 -42.49
C THR B 165 28.53 -19.99 -42.31
N ASP B 166 29.04 -19.88 -41.08
CA ASP B 166 30.41 -20.30 -40.82
C ASP B 166 30.60 -21.77 -41.15
N ILE B 167 29.61 -22.59 -40.85
CA ILE B 167 29.75 -24.03 -41.07
C ILE B 167 29.84 -24.32 -42.56
N GLU B 168 28.86 -23.83 -43.32
CA GLU B 168 28.86 -24.03 -44.77
C GLU B 168 30.12 -23.45 -45.41
N ARG B 169 30.50 -22.23 -45.02
CA ARG B 169 31.73 -21.61 -45.52
C ARG B 169 32.93 -22.55 -45.36
N GLN B 170 33.12 -23.10 -44.17
CA GLN B 170 34.27 -23.98 -43.94
C GLN B 170 34.16 -25.28 -44.73
N LEU B 171 32.94 -25.77 -44.97
CA LEU B 171 32.76 -27.10 -45.57
C LEU B 171 33.26 -27.14 -47.02
N CYS C 22 0.07 -49.97 -2.92
CA CYS C 22 -1.01 -49.04 -3.22
C CYS C 22 -2.24 -49.78 -3.74
N SER C 23 -2.02 -50.81 -4.54
CA SER C 23 -3.12 -51.59 -5.10
C SER C 23 -4.12 -51.98 -4.04
N ASP C 24 -3.63 -52.33 -2.84
CA ASP C 24 -4.51 -52.69 -1.73
C ASP C 24 -5.08 -51.48 -1.02
N ILE C 25 -4.43 -50.32 -1.13
CA ILE C 25 -4.94 -49.10 -0.51
C ILE C 25 -6.29 -48.72 -1.11
N TRP C 26 -6.41 -48.80 -2.45
CA TRP C 26 -7.66 -48.44 -3.13
C TRP C 26 -8.81 -49.38 -2.78
N ALA C 27 -8.53 -50.65 -2.50
CA ALA C 27 -9.60 -51.58 -2.22
C ALA C 27 -10.12 -51.50 -0.79
N LEU C 28 -9.33 -50.96 0.15
CA LEU C 28 -9.72 -50.98 1.56
C LEU C 28 -10.99 -50.18 1.80
N GLN C 29 -11.84 -50.71 2.68
CA GLN C 29 -13.05 -50.05 3.15
C GLN C 29 -13.22 -50.40 4.62
N GLY C 30 -14.07 -49.64 5.30
CA GLY C 30 -14.38 -49.86 6.69
C GLY C 30 -14.19 -48.60 7.53
N LYS C 31 -14.72 -48.68 8.75
CA LYS C 31 -14.73 -47.51 9.63
C LYS C 31 -13.33 -47.14 10.10
N SER C 32 -12.46 -48.12 10.31
CA SER C 32 -11.15 -47.81 10.86
C SER C 32 -10.26 -47.12 9.84
N THR C 33 -10.54 -47.29 8.56
CA THR C 33 -9.71 -46.73 7.52
C THR C 33 -10.24 -45.39 7.00
N GLU C 34 -11.57 -45.25 6.91
CA GLU C 34 -12.16 -44.00 6.43
C GLU C 34 -12.02 -42.84 7.42
N THR C 35 -11.85 -43.15 8.70
CA THR C 35 -11.69 -42.14 9.75
C THR C 35 -10.22 -41.80 9.99
N ASN C 36 -9.31 -42.42 9.26
CA ASN C 36 -7.89 -42.27 9.53
C ASN C 36 -7.27 -41.35 8.50
N PRO C 37 -6.86 -40.12 8.86
CA PRO C 37 -6.30 -39.19 7.84
C PRO C 37 -5.06 -39.75 7.19
N LEU C 38 -4.44 -40.76 7.81
CA LEU C 38 -3.29 -41.45 7.20
C LEU C 38 -3.70 -42.25 5.99
N TYR C 39 -4.92 -42.79 5.98
CA TYR C 39 -5.38 -43.54 4.82
C TYR C 39 -5.50 -42.63 3.60
N TRP C 40 -6.16 -41.49 3.78
CA TRP C 40 -6.42 -40.61 2.65
C TRP C 40 -5.16 -39.96 2.16
N LEU C 41 -4.24 -39.65 3.07
CA LEU C 41 -2.94 -39.13 2.68
C LEU C 41 -2.20 -40.13 1.81
N ARG C 42 -2.15 -41.39 2.25
CA ARG C 42 -1.55 -42.44 1.44
C ARG C 42 -2.27 -42.60 0.11
N ALA C 43 -3.60 -42.44 0.10
CA ALA C 43 -4.35 -42.52 -1.15
C ALA C 43 -3.96 -41.39 -2.08
N MET C 44 -3.78 -40.18 -1.54
CA MET C 44 -3.35 -39.06 -2.36
C MET C 44 -1.96 -39.28 -2.92
N ASP C 45 -1.06 -39.79 -2.10
CA ASP C 45 0.30 -40.04 -2.57
C ASP C 45 0.32 -41.09 -3.68
N CYS C 46 -0.47 -42.16 -3.54
CA CYS C 46 -0.50 -43.20 -4.56
C CYS C 46 -1.03 -42.67 -5.87
N ALA C 47 -2.07 -41.84 -5.81
CA ALA C 47 -2.60 -41.28 -7.04
C ALA C 47 -1.51 -40.48 -7.75
N ASP C 48 -0.68 -39.78 -6.98
CA ASP C 48 0.39 -38.98 -7.58
C ASP C 48 1.37 -39.82 -8.38
N ARG C 49 1.51 -41.10 -8.06
CA ARG C 49 2.43 -41.95 -8.79
C ARG C 49 1.85 -42.40 -10.13
N LEU C 50 0.54 -42.25 -10.33
CA LEU C 50 -0.08 -42.76 -11.54
C LEU C 50 0.19 -41.82 -12.70
N MET C 51 0.30 -42.41 -13.89
N MET C 51 0.29 -42.40 -13.88
CA MET C 51 0.20 -41.61 -15.09
CA MET C 51 0.21 -41.60 -15.08
C MET C 51 -1.24 -41.08 -15.22
C MET C 51 -1.22 -41.10 -15.26
N PRO C 52 -1.41 -39.87 -15.74
CA PRO C 52 -2.77 -39.33 -15.90
C PRO C 52 -3.80 -40.30 -16.48
N ALA C 53 -3.42 -41.05 -17.52
CA ALA C 53 -4.34 -41.96 -18.19
C ALA C 53 -4.86 -43.06 -17.26
N GLN C 54 -3.96 -43.66 -16.47
CA GLN C 54 -4.33 -44.69 -15.50
C GLN C 54 -5.18 -44.10 -14.40
N SER C 55 -4.82 -42.91 -13.94
CA SER C 55 -5.60 -42.16 -12.98
C SER C 55 -7.04 -41.96 -13.45
N ARG C 56 -7.22 -41.53 -14.70
CA ARG C 56 -8.57 -41.32 -15.22
C ARG C 56 -9.33 -42.63 -15.23
N GLN C 57 -8.68 -43.71 -15.70
CA GLN C 57 -9.36 -44.98 -15.85
C GLN C 57 -9.74 -45.56 -14.50
N GLN C 58 -8.86 -45.42 -13.51
CA GLN C 58 -9.12 -46.04 -12.22
C GLN C 58 -10.18 -45.29 -11.43
N ALA C 59 -10.35 -43.99 -11.72
CA ALA C 59 -11.40 -43.22 -11.07
C ALA C 59 -12.77 -43.78 -11.38
N ARG C 60 -12.91 -44.46 -12.54
CA ARG C 60 -14.17 -44.97 -13.05
C ARG C 60 -14.79 -46.04 -12.16
N GLN C 61 -14.00 -46.64 -11.27
CA GLN C 61 -14.52 -47.68 -10.40
C GLN C 61 -15.20 -47.13 -9.15
N TYR C 62 -14.97 -45.88 -8.78
CA TYR C 62 -15.49 -45.33 -7.53
C TYR C 62 -16.67 -44.41 -7.84
N ASP C 63 -17.77 -45.04 -8.27
CA ASP C 63 -18.97 -44.35 -8.72
C ASP C 63 -20.22 -44.91 -8.03
N ASP C 64 -20.10 -45.48 -6.83
CA ASP C 64 -21.33 -45.95 -6.17
C ASP C 64 -22.05 -44.83 -5.39
N GLY C 65 -21.61 -43.57 -5.54
CA GLY C 65 -22.26 -42.41 -4.93
C GLY C 65 -22.21 -42.31 -3.42
N SER C 66 -21.54 -43.22 -2.72
CA SER C 66 -21.17 -43.03 -1.34
C SER C 66 -20.02 -42.03 -1.23
N TRP C 67 -19.89 -41.43 -0.04
CA TRP C 67 -18.91 -40.37 0.12
C TRP C 67 -17.49 -40.93 0.10
N GLN C 68 -17.31 -42.17 0.54
CA GLN C 68 -16.00 -42.80 0.40
C GLN C 68 -15.60 -42.92 -1.07
N ASN C 69 -16.52 -43.42 -1.90
CA ASN C 69 -16.24 -43.57 -3.34
C ASN C 69 -16.08 -42.24 -4.05
N THR C 70 -16.83 -41.22 -3.64
CA THR C 70 -16.69 -39.90 -4.25
C THR C 70 -15.34 -39.26 -3.90
N PHE C 71 -14.90 -39.40 -2.65
CA PHE C 71 -13.60 -38.88 -2.27
C PHE C 71 -12.48 -39.60 -3.03
N LYS C 72 -12.47 -40.94 -3.00
CA LYS C 72 -11.51 -41.73 -3.77
C LYS C 72 -11.50 -41.37 -5.25
N GLN C 73 -12.67 -41.19 -5.85
CA GLN C 73 -12.73 -40.82 -7.26
C GLN C 73 -12.18 -39.42 -7.49
N GLY C 74 -12.54 -38.47 -6.63
CA GLY C 74 -12.04 -37.12 -6.81
C GLY C 74 -10.53 -37.06 -6.71
N ILE C 75 -9.96 -37.83 -5.80
CA ILE C 75 -8.53 -37.89 -5.62
C ILE C 75 -7.85 -38.39 -6.89
N LEU C 76 -8.48 -39.35 -7.57
CA LEU C 76 -7.84 -39.91 -8.74
C LEU C 76 -8.06 -39.01 -9.97
N LEU C 77 -9.26 -38.43 -10.08
CA LEU C 77 -9.55 -37.54 -11.19
C LEU C 77 -8.72 -36.26 -11.10
N ALA C 78 -8.56 -35.71 -9.89
CA ALA C 78 -7.67 -34.56 -9.66
C ALA C 78 -6.27 -34.75 -10.21
N ASP C 79 -5.87 -35.99 -10.49
CA ASP C 79 -4.57 -36.22 -11.11
C ASP C 79 -4.65 -36.51 -12.60
N ALA C 80 -5.84 -36.43 -13.20
CA ALA C 80 -6.09 -37.03 -14.50
C ALA C 80 -6.13 -36.03 -15.66
N LYS C 81 -5.78 -34.76 -15.42
CA LYS C 81 -5.71 -33.76 -16.50
C LYS C 81 -7.08 -33.55 -17.12
N ILE C 82 -8.06 -33.25 -16.28
CA ILE C 82 -9.43 -33.08 -16.70
C ILE C 82 -9.65 -31.67 -17.24
N THR C 83 -10.80 -31.42 -17.86
CA THR C 83 -11.13 -30.12 -18.40
C THR C 83 -11.71 -29.23 -17.30
N PRO C 84 -11.77 -27.92 -17.51
CA PRO C 84 -12.35 -27.04 -16.48
C PRO C 84 -13.77 -27.41 -16.10
N TYR C 85 -14.54 -28.00 -17.04
CA TYR C 85 -15.91 -28.39 -16.71
C TYR C 85 -15.93 -29.68 -15.90
N GLU C 86 -15.00 -30.58 -16.17
CA GLU C 86 -14.90 -31.74 -15.31
C GLU C 86 -14.45 -31.31 -13.92
N ARG C 87 -13.58 -30.28 -13.81
CA ARG C 87 -13.16 -29.82 -12.49
C ARG C 87 -14.28 -29.11 -11.75
N ARG C 88 -15.03 -28.26 -12.46
CA ARG C 88 -16.21 -27.59 -11.88
C ARG C 88 -17.14 -28.60 -11.22
N GLN C 89 -17.42 -29.74 -11.91
CA GLN C 89 -18.32 -30.75 -11.36
C GLN C 89 -17.67 -31.52 -10.22
N LEU C 90 -16.37 -31.86 -10.37
CA LEU C 90 -15.65 -32.47 -9.27
C LEU C 90 -15.78 -31.66 -7.97
N VAL C 91 -15.42 -30.37 -8.03
CA VAL C 91 -15.46 -29.51 -6.85
C VAL C 91 -16.88 -29.48 -6.24
N ALA C 92 -17.91 -29.34 -7.09
CA ALA C 92 -19.30 -29.40 -6.58
C ALA C 92 -19.58 -30.72 -5.86
N ARG C 93 -19.14 -31.85 -6.43
CA ARG C 93 -19.36 -33.11 -5.74
C ARG C 93 -18.62 -33.14 -4.39
N ILE C 94 -17.39 -32.60 -4.37
CA ILE C 94 -16.57 -32.65 -3.16
C ILE C 94 -17.16 -31.78 -2.08
N GLU C 95 -17.62 -30.57 -2.46
CA GLU C 95 -18.27 -29.72 -1.48
C GLU C 95 -19.55 -30.35 -0.96
N ALA C 96 -20.24 -31.18 -1.77
CA ALA C 96 -21.48 -31.79 -1.27
C ALA C 96 -21.20 -32.66 -0.05
N LEU C 97 -20.00 -33.20 0.07
CA LEU C 97 -19.62 -34.25 1.02
C LEU C 97 -19.37 -33.75 2.43
N SER C 98 -19.23 -32.43 2.62
CA SER C 98 -18.56 -31.89 3.79
C SER C 98 -19.12 -32.46 5.09
N THR C 99 -20.45 -32.67 5.17
CA THR C 99 -21.05 -33.09 6.44
C THR C 99 -20.78 -34.54 6.76
N GLU C 100 -20.28 -35.32 5.80
CA GLU C 100 -19.98 -36.71 6.09
C GLU C 100 -18.50 -36.98 6.22
N ILE C 101 -17.66 -35.96 6.17
CA ILE C 101 -16.23 -36.18 6.34
C ILE C 101 -15.96 -36.30 7.84
N PRO C 102 -15.38 -37.41 8.32
CA PRO C 102 -15.19 -37.56 9.76
C PRO C 102 -14.32 -36.44 10.28
N ALA C 103 -14.54 -36.09 11.54
CA ALA C 103 -13.94 -34.87 12.07
C ALA C 103 -12.42 -34.91 11.94
N GLN C 104 -11.79 -36.06 12.22
CA GLN C 104 -10.34 -36.19 12.09
C GLN C 104 -9.86 -35.99 10.67
N VAL C 105 -10.67 -36.38 9.68
CA VAL C 105 -10.23 -36.25 8.30
C VAL C 105 -10.43 -34.83 7.77
N ARG C 106 -11.28 -34.03 8.42
CA ARG C 106 -11.72 -32.76 7.82
C ARG C 106 -10.60 -31.78 7.53
N PRO C 107 -9.60 -31.57 8.39
CA PRO C 107 -8.43 -30.74 8.01
C PRO C 107 -7.81 -31.11 6.66
N LEU C 108 -7.56 -32.40 6.47
CA LEU C 108 -6.97 -32.90 5.23
C LEU C 108 -7.93 -32.72 4.07
N TYR C 109 -9.20 -33.08 4.29
CA TYR C 109 -10.22 -32.90 3.27
C TYR C 109 -10.30 -31.44 2.85
N GLN C 110 -10.31 -30.52 3.83
CA GLN C 110 -10.41 -29.11 3.49
C GLN C 110 -9.20 -28.64 2.69
N LEU C 111 -8.00 -29.05 3.10
CA LEU C 111 -6.80 -28.64 2.38
C LEU C 111 -6.79 -29.17 0.94
N TRP C 112 -7.27 -30.41 0.75
CA TRP C 112 -7.29 -30.98 -0.59
C TRP C 112 -8.38 -30.36 -1.44
N ARG C 113 -9.50 -29.97 -0.83
CA ARG C 113 -10.59 -29.36 -1.58
C ARG C 113 -10.20 -27.97 -2.07
N ASP C 114 -9.53 -27.19 -1.23
CA ASP C 114 -9.00 -25.89 -1.64
C ASP C 114 -8.06 -26.04 -2.83
N GLY C 115 -7.15 -27.02 -2.79
CA GLY C 115 -6.31 -27.26 -3.96
C GLY C 115 -7.11 -27.33 -5.24
N GLN C 116 -8.26 -28.02 -5.21
CA GLN C 116 -9.09 -28.20 -6.40
C GLN C 116 -9.86 -26.93 -6.77
N ALA C 117 -10.42 -26.23 -5.78
CA ALA C 117 -11.11 -24.98 -6.04
C ALA C 117 -10.17 -23.92 -6.59
N LEU C 118 -8.93 -23.88 -6.07
CA LEU C 118 -7.96 -22.90 -6.56
C LEU C 118 -7.60 -23.19 -8.01
N GLN C 119 -7.41 -24.47 -8.36
CA GLN C 119 -7.18 -24.82 -9.75
C GLN C 119 -8.35 -24.37 -10.61
N LEU C 120 -9.55 -24.39 -10.05
CA LEU C 120 -10.76 -24.04 -10.78
C LEU C 120 -10.87 -22.53 -11.00
N GLN C 121 -10.64 -21.73 -9.95
CA GLN C 121 -10.46 -20.27 -10.12
C GLN C 121 -9.45 -19.95 -11.22
N LEU C 122 -8.27 -20.59 -11.18
CA LEU C 122 -7.22 -20.27 -12.14
C LEU C 122 -7.70 -20.50 -13.58
N ALA C 123 -8.31 -21.66 -13.84
CA ALA C 123 -8.84 -21.89 -15.18
C ALA C 123 -9.93 -20.88 -15.54
N GLU C 124 -10.72 -20.45 -14.53
CA GLU C 124 -11.76 -19.45 -14.77
C GLU C 124 -11.13 -18.08 -15.03
N GLU C 125 -10.12 -17.70 -14.24
CA GLU C 125 -9.39 -16.46 -14.54
C GLU C 125 -8.80 -16.49 -15.95
N ARG C 126 -8.22 -17.63 -16.34
CA ARG C 126 -7.58 -17.73 -17.65
C ARG C 126 -8.59 -17.55 -18.77
N GLN C 127 -9.81 -18.08 -18.61
CA GLN C 127 -10.85 -17.89 -19.62
C GLN C 127 -11.28 -16.45 -19.71
N ARG C 128 -11.48 -15.80 -18.56
CA ARG C 128 -11.77 -14.36 -18.57
C ARG C 128 -10.71 -13.62 -19.37
N TYR C 129 -9.43 -13.94 -19.15
CA TYR C 129 -8.35 -13.27 -19.88
C TYR C 129 -8.47 -13.51 -21.38
N SER C 130 -8.57 -14.78 -21.79
CA SER C 130 -8.75 -15.08 -23.20
C SER C 130 -9.96 -14.35 -23.77
N LYS C 131 -11.02 -14.27 -22.98
CA LYS C 131 -12.24 -13.58 -23.39
C LYS C 131 -11.97 -12.10 -23.67
N LEU C 132 -11.30 -11.44 -22.73
CA LEU C 132 -11.05 -10.01 -22.91
C LEU C 132 -10.05 -9.75 -24.03
N GLN C 133 -9.00 -10.56 -24.15
CA GLN C 133 -8.09 -10.39 -25.27
C GLN C 133 -8.81 -10.54 -26.61
N GLN C 134 -9.77 -11.46 -26.69
CA GLN C 134 -10.37 -11.69 -27.99
C GLN C 134 -11.41 -10.62 -28.32
N SER C 135 -12.10 -10.05 -27.33
CA SER C 135 -13.03 -8.97 -27.64
C SER C 135 -12.31 -7.64 -27.80
N SER C 136 -11.22 -7.42 -27.06
CA SER C 136 -10.50 -6.15 -27.19
C SER C 136 -9.74 -6.07 -28.51
N ASP C 137 -9.15 -7.18 -28.95
CA ASP C 137 -8.41 -7.14 -30.22
C ASP C 137 -9.34 -7.14 -31.42
N SER C 138 -10.51 -7.77 -31.31
CA SER C 138 -11.47 -7.70 -32.40
C SER C 138 -12.08 -6.30 -32.50
N GLU C 139 -12.45 -5.70 -31.35
CA GLU C 139 -13.10 -4.40 -31.40
C GLU C 139 -12.14 -3.31 -31.88
N LEU C 140 -10.87 -3.37 -31.45
CA LEU C 140 -9.85 -2.50 -32.01
C LEU C 140 -9.69 -2.72 -33.51
N ASP C 141 -9.67 -4.00 -33.94
CA ASP C 141 -9.54 -4.30 -35.36
C ASP C 141 -10.68 -3.68 -36.15
N THR C 142 -11.92 -3.90 -35.70
CA THR C 142 -13.09 -3.28 -36.30
C THR C 142 -12.92 -1.76 -36.41
N LEU C 143 -12.46 -1.13 -35.32
CA LEU C 143 -12.30 0.33 -35.31
C LEU C 143 -11.25 0.78 -36.31
N ARG C 144 -10.11 0.08 -36.35
CA ARG C 144 -9.06 0.43 -37.30
C ARG C 144 -9.53 0.26 -38.73
N GLN C 145 -10.47 -0.67 -38.99
CA GLN C 145 -11.05 -0.77 -40.33
C GLN C 145 -12.03 0.36 -40.57
N GLN C 146 -12.88 0.66 -39.59
CA GLN C 146 -13.82 1.76 -39.74
C GLN C 146 -13.08 3.07 -39.97
N HIS C 147 -11.95 3.25 -39.31
CA HIS C 147 -11.20 4.49 -39.40
C HIS C 147 -10.66 4.73 -40.80
N HIS C 148 -10.36 3.67 -41.53
CA HIS C 148 -9.84 3.87 -42.88
C HIS C 148 -10.95 4.09 -43.90
N VAL C 149 -12.09 3.40 -43.77
CA VAL C 149 -13.25 3.75 -44.58
C VAL C 149 -13.56 5.25 -44.44
N LEU C 150 -13.74 5.70 -43.20
CA LEU C 150 -14.10 7.07 -42.93
C LEU C 150 -13.07 8.03 -43.51
N GLN C 151 -11.79 7.73 -43.29
CA GLN C 151 -10.73 8.57 -43.83
C GLN C 151 -10.69 8.53 -45.36
N GLN C 152 -10.86 7.35 -45.96
CA GLN C 152 -10.90 7.28 -47.42
C GLN C 152 -12.10 8.03 -47.97
N GLN C 153 -13.25 7.92 -47.30
CA GLN C 153 -14.43 8.63 -47.77
C GLN C 153 -14.34 10.12 -47.48
N LEU C 154 -13.48 10.53 -46.54
CA LEU C 154 -13.22 11.95 -46.31
C LEU C 154 -12.24 12.50 -47.34
N GLU C 155 -11.30 11.68 -47.82
CA GLU C 155 -10.44 12.11 -48.93
C GLU C 155 -11.26 12.35 -50.19
N LEU C 156 -12.24 11.47 -50.43
CA LEU C 156 -13.05 11.55 -51.64
C LEU C 156 -13.92 12.79 -51.64
N THR C 157 -14.70 13.01 -50.58
CA THR C 157 -15.58 14.17 -50.51
C THR C 157 -14.80 15.47 -50.68
N THR C 158 -13.53 15.49 -50.23
CA THR C 158 -12.73 16.70 -50.38
C THR C 158 -12.35 16.96 -51.82
N ARG C 159 -12.03 15.91 -52.58
CA ARG C 159 -11.67 16.11 -53.98
C ARG C 159 -12.90 16.40 -54.83
N LYS C 160 -14.08 15.92 -54.44
CA LYS C 160 -15.29 16.32 -55.16
C LYS C 160 -15.60 17.80 -54.92
N LEU C 161 -15.46 18.25 -53.67
CA LEU C 161 -15.55 19.67 -53.36
C LEU C 161 -14.60 20.47 -54.22
N GLU C 162 -13.32 20.06 -54.26
CA GLU C 162 -12.28 20.85 -54.89
C GLU C 162 -12.38 20.85 -56.41
N ASN C 163 -13.02 19.86 -57.00
CA ASN C 163 -13.27 19.88 -58.43
C ASN C 163 -14.53 20.64 -58.79
N LEU C 164 -15.13 21.33 -57.82
CA LEU C 164 -16.06 22.43 -58.09
C LEU C 164 -15.52 23.78 -57.64
N THR C 165 -14.60 23.80 -56.67
CA THR C 165 -13.94 25.03 -56.19
C THR C 165 -12.54 25.19 -56.81
N CYS D 22 -4.91 -25.51 21.30
CA CYS D 22 -4.25 -25.04 20.09
C CYS D 22 -3.06 -24.14 20.40
N SER D 23 -3.11 -23.46 21.55
CA SER D 23 -1.97 -22.64 21.94
C SER D 23 -0.74 -23.50 22.16
N ASP D 24 -0.94 -24.72 22.66
CA ASP D 24 0.14 -25.64 22.97
C ASP D 24 0.63 -26.44 21.76
N ILE D 25 -0.09 -26.43 20.64
CA ILE D 25 0.34 -27.32 19.59
C ILE D 25 1.55 -26.75 18.87
N TRP D 26 1.69 -25.42 18.87
CA TRP D 26 2.77 -24.75 18.14
C TRP D 26 4.11 -24.88 18.85
N ALA D 27 4.11 -25.08 20.16
CA ALA D 27 5.39 -25.14 20.87
C ALA D 27 5.99 -26.54 20.87
N LEU D 28 5.23 -27.57 20.48
CA LEU D 28 5.76 -28.93 20.54
C LEU D 28 6.95 -29.08 19.60
N GLN D 29 7.97 -29.77 20.11
CA GLN D 29 9.22 -30.04 19.40
C GLN D 29 9.58 -31.50 19.58
N GLY D 30 10.20 -32.08 18.58
CA GLY D 30 10.75 -33.41 18.70
C GLY D 30 10.49 -34.23 17.46
N LYS D 31 11.33 -35.25 17.26
N LYS D 31 11.32 -35.26 17.26
CA LYS D 31 11.16 -36.11 16.10
CA LYS D 31 11.16 -36.10 16.09
C LYS D 31 9.79 -36.80 16.10
C LYS D 31 9.82 -36.83 16.10
N SER D 32 9.29 -37.14 17.30
CA SER D 32 7.99 -37.80 17.40
C SER D 32 6.85 -36.89 16.95
N THR D 33 7.07 -35.60 16.85
CA THR D 33 6.07 -34.66 16.35
C THR D 33 6.40 -34.11 14.98
N GLU D 34 7.67 -34.06 14.59
CA GLU D 34 8.01 -33.47 13.30
C GLU D 34 7.87 -34.46 12.14
N THR D 35 8.01 -35.76 12.37
CA THR D 35 7.81 -36.78 11.36
C THR D 35 6.38 -37.27 11.32
N ASN D 36 5.47 -36.46 11.86
CA ASN D 36 4.14 -36.85 12.30
C ASN D 36 3.13 -36.05 11.49
N PRO D 37 2.60 -36.61 10.40
CA PRO D 37 1.57 -35.89 9.62
C PRO D 37 0.37 -35.45 10.44
N LEU D 38 -0.01 -36.21 11.47
CA LEU D 38 -1.19 -35.81 12.23
C LEU D 38 -0.92 -34.56 13.06
N TYR D 39 0.33 -34.37 13.49
CA TYR D 39 0.70 -33.14 14.16
C TYR D 39 0.54 -31.95 13.22
N TRP D 40 1.04 -32.09 11.99
CA TRP D 40 1.06 -30.96 11.09
C TRP D 40 -0.36 -30.63 10.62
N LEU D 41 -1.19 -31.66 10.42
CA LEU D 41 -2.59 -31.43 10.10
C LEU D 41 -3.28 -30.69 11.23
N ARG D 42 -3.05 -31.12 12.48
CA ARG D 42 -3.64 -30.41 13.61
C ARG D 42 -3.11 -28.98 13.69
N ALA D 43 -1.85 -28.75 13.31
CA ALA D 43 -1.33 -27.40 13.34
C ALA D 43 -1.88 -26.54 12.20
N MET D 44 -2.18 -27.12 11.04
CA MET D 44 -2.82 -26.30 9.99
C MET D 44 -4.26 -25.96 10.37
N ASP D 45 -4.93 -26.88 11.06
CA ASP D 45 -6.30 -26.65 11.54
C ASP D 45 -6.36 -25.50 12.55
N CYS D 46 -5.53 -25.56 13.60
CA CYS D 46 -5.44 -24.44 14.55
C CYS D 46 -5.18 -23.11 13.84
N ALA D 47 -4.43 -23.13 12.74
CA ALA D 47 -4.11 -21.89 12.03
C ALA D 47 -5.35 -21.24 11.47
N ASP D 48 -6.26 -22.04 10.91
CA ASP D 48 -7.54 -21.51 10.43
C ASP D 48 -8.32 -20.81 11.53
N ARG D 49 -8.16 -21.25 12.78
CA ARG D 49 -8.96 -20.75 13.88
C ARG D 49 -8.57 -19.34 14.31
N LEU D 50 -7.50 -18.79 13.76
CA LEU D 50 -6.88 -17.56 14.22
C LEU D 50 -7.40 -16.38 13.40
N MET D 51 -7.23 -15.15 13.98
CA MET D 51 -7.42 -13.87 13.29
C MET D 51 -6.09 -13.38 12.76
N PRO D 52 -6.09 -12.63 11.64
CA PRO D 52 -4.82 -12.26 11.00
C PRO D 52 -3.81 -11.63 11.94
N ALA D 53 -4.27 -10.77 12.84
CA ALA D 53 -3.37 -10.22 13.84
C ALA D 53 -2.82 -11.34 14.73
N GLN D 54 -3.66 -12.29 15.11
CA GLN D 54 -3.17 -13.41 15.90
C GLN D 54 -2.18 -14.27 15.10
N SER D 55 -2.44 -14.48 13.80
CA SER D 55 -1.56 -15.31 12.99
C SER D 55 -0.19 -14.69 12.87
N ARG D 56 -0.16 -13.40 12.52
CA ARG D 56 1.11 -12.69 12.42
C ARG D 56 1.84 -12.73 13.75
N GLN D 57 1.14 -12.47 14.84
CA GLN D 57 1.79 -12.48 16.15
C GLN D 57 2.34 -13.85 16.50
N GLN D 58 1.61 -14.92 16.20
CA GLN D 58 2.11 -16.26 16.49
C GLN D 58 3.28 -16.61 15.59
N ALA D 59 3.21 -16.18 14.32
CA ALA D 59 4.24 -16.50 13.35
C ALA D 59 5.59 -15.97 13.79
N ARG D 60 5.59 -14.78 14.41
CA ARG D 60 6.79 -14.11 14.90
C ARG D 60 7.61 -14.98 15.84
N GLN D 61 7.00 -15.98 16.47
CA GLN D 61 7.74 -16.80 17.43
C GLN D 61 8.43 -18.00 16.81
N TYR D 62 8.46 -18.13 15.48
CA TYR D 62 9.15 -19.25 14.85
C TYR D 62 9.97 -18.80 13.64
N ASP D 63 10.94 -17.90 13.86
CA ASP D 63 11.79 -17.43 12.77
C ASP D 63 13.26 -17.78 12.98
N ASP D 64 13.52 -18.85 13.74
CA ASP D 64 14.83 -19.49 13.86
C ASP D 64 15.52 -19.66 12.52
N GLY D 65 14.79 -20.20 11.53
CA GLY D 65 15.36 -20.60 10.28
C GLY D 65 15.43 -22.10 10.08
N SER D 66 15.06 -22.89 11.09
CA SER D 66 14.98 -24.32 10.90
C SER D 66 13.76 -24.65 10.03
N TRP D 67 13.78 -25.85 9.45
CA TRP D 67 12.66 -26.28 8.63
C TRP D 67 11.39 -26.45 9.49
N GLN D 68 11.53 -26.97 10.71
CA GLN D 68 10.38 -27.04 11.63
C GLN D 68 9.73 -25.68 11.79
N ASN D 69 10.53 -24.67 12.18
CA ASN D 69 9.97 -23.37 12.52
C ASN D 69 9.51 -22.60 11.30
N THR D 70 10.14 -22.84 10.16
CA THR D 70 9.81 -22.13 8.91
C THR D 70 8.52 -22.67 8.29
N PHE D 71 8.29 -23.98 8.43
CA PHE D 71 7.00 -24.57 8.09
C PHE D 71 5.91 -24.06 9.01
N LYS D 72 6.19 -23.96 10.32
CA LYS D 72 5.19 -23.44 11.25
C LYS D 72 4.82 -22.01 10.90
N GLN D 73 5.83 -21.17 10.69
CA GLN D 73 5.63 -19.78 10.34
C GLN D 73 4.86 -19.63 9.03
N GLY D 74 5.20 -20.47 8.04
CA GLY D 74 4.50 -20.40 6.76
C GLY D 74 3.05 -20.79 6.88
N ILE D 75 2.75 -21.85 7.65
CA ILE D 75 1.37 -22.23 7.91
C ILE D 75 0.60 -21.08 8.58
N LEU D 76 1.25 -20.35 9.49
CA LEU D 76 0.55 -19.28 10.19
C LEU D 76 0.40 -18.02 9.32
N LEU D 77 1.47 -17.60 8.67
CA LEU D 77 1.40 -16.43 7.80
C LEU D 77 0.49 -16.63 6.60
N ALA D 78 0.31 -17.88 6.14
CA ALA D 78 -0.41 -18.07 4.89
C ALA D 78 -1.85 -17.59 5.01
N ASP D 79 -2.35 -17.55 6.25
CA ASP D 79 -3.72 -17.21 6.60
C ASP D 79 -3.89 -15.74 6.99
N ALA D 80 -2.82 -14.94 6.90
CA ALA D 80 -2.65 -13.75 7.73
C ALA D 80 -2.96 -12.42 7.04
N LYS D 81 -3.53 -12.41 5.83
CA LYS D 81 -3.81 -11.17 5.07
C LYS D 81 -2.49 -10.48 4.66
N ILE D 82 -1.77 -11.17 3.79
CA ILE D 82 -0.43 -10.79 3.34
C ILE D 82 -0.50 -10.52 1.84
N THR D 83 0.50 -9.80 1.35
CA THR D 83 0.60 -9.54 -0.07
C THR D 83 1.06 -10.79 -0.80
N PRO D 84 0.90 -10.83 -2.13
CA PRO D 84 1.54 -11.91 -2.89
C PRO D 84 3.04 -11.99 -2.69
N TYR D 85 3.72 -10.84 -2.58
CA TYR D 85 5.17 -10.88 -2.44
C TYR D 85 5.59 -11.51 -1.11
N GLU D 86 4.84 -11.22 -0.04
CA GLU D 86 5.09 -11.89 1.23
C GLU D 86 4.85 -13.39 1.12
N ARG D 87 3.75 -13.79 0.43
CA ARG D 87 3.48 -15.21 0.26
C ARG D 87 4.61 -15.89 -0.52
N ARG D 88 5.14 -15.21 -1.53
CA ARG D 88 6.25 -15.76 -2.31
C ARG D 88 7.46 -16.06 -1.42
N GLN D 89 7.86 -15.09 -0.59
CA GLN D 89 9.04 -15.28 0.27
C GLN D 89 8.85 -16.43 1.23
N LEU D 90 7.66 -16.55 1.84
CA LEU D 90 7.46 -17.58 2.85
C LEU D 90 7.45 -18.98 2.24
N VAL D 91 6.94 -19.09 1.01
CA VAL D 91 7.00 -20.35 0.26
C VAL D 91 8.44 -20.64 -0.16
N ALA D 92 9.14 -19.62 -0.68
CA ALA D 92 10.56 -19.76 -1.00
C ALA D 92 11.37 -20.17 0.22
N ARG D 93 11.06 -19.60 1.38
CA ARG D 93 11.84 -19.89 2.58
C ARG D 93 11.63 -21.31 3.05
N ILE D 94 10.44 -21.89 2.85
CA ILE D 94 10.26 -23.29 3.24
C ILE D 94 10.68 -24.23 2.09
N GLU D 95 10.54 -23.79 0.83
CA GLU D 95 11.01 -24.60 -0.30
C GLU D 95 12.52 -24.86 -0.22
N ALA D 96 13.32 -23.83 0.07
CA ALA D 96 14.77 -23.98 0.20
C ALA D 96 15.20 -24.94 1.29
N LEU D 97 14.28 -25.39 2.15
CA LEU D 97 14.61 -26.40 3.15
C LEU D 97 13.91 -27.72 2.90
N SER D 98 13.13 -27.83 1.83
CA SER D 98 12.14 -28.90 1.73
C SER D 98 12.76 -30.27 1.66
N THR D 99 14.07 -30.36 1.37
CA THR D 99 14.78 -31.63 1.33
C THR D 99 14.83 -32.29 2.69
N GLU D 100 14.73 -31.50 3.76
CA GLU D 100 14.83 -32.03 5.10
C GLU D 100 13.49 -32.55 5.64
N ILE D 101 12.44 -32.49 4.85
CA ILE D 101 11.11 -32.82 5.40
C ILE D 101 10.95 -34.34 5.43
N PRO D 102 10.60 -34.90 6.60
CA PRO D 102 10.39 -36.34 6.73
C PRO D 102 9.60 -36.98 5.60
N ALA D 103 9.81 -38.27 5.35
CA ALA D 103 9.15 -38.92 4.23
C ALA D 103 7.66 -38.91 4.41
N GLN D 104 7.20 -39.25 5.62
CA GLN D 104 5.79 -39.29 5.93
C GLN D 104 5.13 -37.93 5.88
N VAL D 105 5.88 -36.84 6.00
CA VAL D 105 5.26 -35.53 6.01
C VAL D 105 5.25 -34.94 4.59
N ARG D 106 6.19 -35.36 3.73
CA ARG D 106 6.24 -34.90 2.33
C ARG D 106 4.88 -34.76 1.63
N PRO D 107 4.09 -35.84 1.43
CA PRO D 107 2.81 -35.65 0.72
C PRO D 107 1.94 -34.56 1.31
N LEU D 108 1.98 -34.36 2.62
CA LEU D 108 1.25 -33.25 3.23
C LEU D 108 1.86 -31.90 2.83
N TYR D 109 3.18 -31.77 2.95
CA TYR D 109 3.84 -30.52 2.53
C TYR D 109 3.51 -30.16 1.09
N GLN D 110 3.55 -31.15 0.19
CA GLN D 110 3.35 -30.85 -1.23
C GLN D 110 1.94 -30.33 -1.49
N LEU D 111 0.93 -30.94 -0.87
CA LEU D 111 -0.42 -30.39 -0.92
C LEU D 111 -0.42 -28.94 -0.43
N TRP D 112 0.21 -28.69 0.72
CA TRP D 112 0.19 -27.36 1.30
C TRP D 112 0.93 -26.37 0.40
N ARG D 113 2.14 -26.69 -0.01
CA ARG D 113 2.87 -25.82 -0.93
C ARG D 113 2.10 -25.61 -2.23
N ASP D 114 1.38 -26.63 -2.73
CA ASP D 114 0.68 -26.45 -4.00
C ASP D 114 -0.47 -25.45 -3.86
N GLY D 115 -1.17 -25.49 -2.72
CA GLY D 115 -2.11 -24.47 -2.34
C GLY D 115 -1.58 -23.05 -2.47
N GLN D 116 -0.48 -22.78 -1.76
CA GLN D 116 0.21 -21.50 -1.85
C GLN D 116 0.60 -21.20 -3.28
N ALA D 117 1.17 -22.21 -3.96
CA ALA D 117 1.67 -22.04 -5.31
C ALA D 117 0.57 -21.56 -6.27
N LEU D 118 -0.63 -22.12 -6.14
CA LEU D 118 -1.76 -21.69 -6.96
C LEU D 118 -2.24 -20.30 -6.57
N GLN D 119 -2.11 -19.95 -5.29
CA GLN D 119 -2.46 -18.61 -4.85
C GLN D 119 -1.52 -17.59 -5.46
N LEU D 120 -0.23 -17.93 -5.58
CA LEU D 120 0.70 -17.03 -6.26
C LEU D 120 0.37 -16.92 -7.74
N GLN D 121 0.03 -18.04 -8.38
CA GLN D 121 -0.37 -18.00 -9.79
C GLN D 121 -1.57 -17.10 -9.99
N LEU D 122 -2.57 -17.24 -9.13
CA LEU D 122 -3.77 -16.43 -9.23
C LEU D 122 -3.46 -14.95 -9.16
N ALA D 123 -2.56 -14.57 -8.23
CA ALA D 123 -2.16 -13.17 -8.15
C ALA D 123 -1.45 -12.72 -9.42
N GLU D 124 -0.66 -13.61 -10.04
CA GLU D 124 -0.03 -13.26 -11.32
C GLU D 124 -1.09 -13.02 -12.38
N GLU D 125 -2.09 -13.92 -12.47
CA GLU D 125 -3.14 -13.79 -13.49
C GLU D 125 -3.92 -12.50 -13.33
N ARG D 126 -4.33 -12.18 -12.11
CA ARG D 126 -5.12 -10.97 -11.90
C ARG D 126 -4.33 -9.72 -12.27
N GLN D 127 -3.04 -9.71 -11.97
CA GLN D 127 -2.19 -8.60 -12.40
C GLN D 127 -2.12 -8.55 -13.93
N ARG D 128 -1.96 -9.70 -14.58
N ARG D 128 -2.02 -9.71 -14.59
CA ARG D 128 -2.01 -9.77 -16.04
CA ARG D 128 -1.97 -9.68 -16.05
C ARG D 128 -3.30 -9.15 -16.57
C ARG D 128 -3.31 -9.24 -16.65
N TYR D 129 -4.42 -9.57 -16.00
CA TYR D 129 -5.72 -9.13 -16.50
C TYR D 129 -5.91 -7.64 -16.22
N SER D 130 -5.56 -7.18 -15.03
CA SER D 130 -5.67 -5.76 -14.69
C SER D 130 -4.92 -4.89 -15.70
N LYS D 131 -3.70 -5.29 -16.05
CA LYS D 131 -2.91 -4.55 -17.03
C LYS D 131 -3.56 -4.59 -18.41
N LEU D 132 -3.92 -5.80 -18.88
CA LEU D 132 -4.63 -5.92 -20.15
C LEU D 132 -5.88 -5.06 -20.18
N GLN D 133 -6.64 -5.04 -19.09
CA GLN D 133 -7.80 -4.17 -18.99
C GLN D 133 -7.41 -2.70 -19.14
N GLN D 134 -6.29 -2.32 -18.53
CA GLN D 134 -5.87 -0.92 -18.55
C GLN D 134 -5.47 -0.49 -19.96
N SER D 135 -4.53 -1.24 -20.55
CA SER D 135 -4.02 -0.90 -21.88
C SER D 135 -5.10 -1.01 -22.95
N SER D 136 -5.98 -2.00 -22.86
CA SER D 136 -6.97 -2.18 -23.92
C SER D 136 -8.05 -1.10 -23.85
N ASP D 137 -8.40 -0.65 -22.65
CA ASP D 137 -9.42 0.38 -22.50
C ASP D 137 -8.88 1.76 -22.88
N SER D 138 -7.59 2.00 -22.62
CA SER D 138 -6.99 3.29 -23.00
C SER D 138 -6.84 3.39 -24.50
N GLU D 139 -6.29 2.35 -25.13
CA GLU D 139 -6.26 2.30 -26.59
C GLU D 139 -7.65 2.41 -27.20
N LEU D 140 -8.63 1.70 -26.62
CA LEU D 140 -9.98 1.71 -27.21
C LEU D 140 -10.56 3.10 -27.21
N ASP D 141 -10.50 3.79 -26.07
CA ASP D 141 -11.14 5.09 -25.97
C ASP D 141 -10.45 6.13 -26.84
N THR D 142 -9.14 6.02 -27.07
CA THR D 142 -8.50 6.94 -28.00
C THR D 142 -9.00 6.71 -29.41
N LEU D 143 -9.28 5.46 -29.78
CA LEU D 143 -9.71 5.19 -31.14
C LEU D 143 -11.20 5.45 -31.31
N ARG D 144 -12.01 5.20 -30.27
CA ARG D 144 -13.40 5.58 -30.33
C ARG D 144 -13.56 7.09 -30.42
N GLN D 145 -12.68 7.84 -29.75
CA GLN D 145 -12.73 9.29 -29.82
C GLN D 145 -12.47 9.77 -31.25
N GLN D 146 -11.31 9.39 -31.80
CA GLN D 146 -11.01 9.68 -33.19
C GLN D 146 -12.13 9.26 -34.11
N HIS D 147 -12.85 8.18 -33.78
CA HIS D 147 -13.95 7.73 -34.63
C HIS D 147 -15.06 8.75 -34.66
N HIS D 148 -15.54 9.18 -33.50
CA HIS D 148 -16.66 10.12 -33.45
C HIS D 148 -16.28 11.46 -34.07
N VAL D 149 -15.03 11.89 -33.88
CA VAL D 149 -14.59 13.17 -34.42
C VAL D 149 -14.56 13.13 -35.94
N LEU D 150 -13.91 12.12 -36.51
CA LEU D 150 -13.85 12.02 -37.96
C LEU D 150 -15.23 11.74 -38.55
N GLN D 151 -16.14 11.17 -37.76
CA GLN D 151 -17.52 11.03 -38.22
C GLN D 151 -18.19 12.40 -38.33
N GLN D 152 -18.04 13.24 -37.31
CA GLN D 152 -18.66 14.56 -37.40
C GLN D 152 -17.99 15.41 -38.47
N GLN D 153 -16.66 15.29 -38.60
CA GLN D 153 -15.93 15.91 -39.71
C GLN D 153 -16.51 15.50 -41.05
N LEU D 154 -16.69 14.20 -41.26
CA LEU D 154 -17.15 13.75 -42.57
C LEU D 154 -18.56 14.21 -42.85
N GLU D 155 -19.45 14.11 -41.85
CA GLU D 155 -20.83 14.59 -42.01
C GLU D 155 -20.86 16.04 -42.47
N LEU D 156 -20.09 16.91 -41.82
CA LEU D 156 -20.08 18.33 -42.16
C LEU D 156 -19.63 18.54 -43.61
N THR D 157 -18.55 17.88 -44.01
CA THR D 157 -18.07 18.03 -45.37
C THR D 157 -19.06 17.48 -46.36
N THR D 158 -19.92 16.57 -45.89
CA THR D 158 -20.84 15.86 -46.77
C THR D 158 -22.08 16.69 -47.03
N ARG D 159 -22.61 17.36 -46.00
CA ARG D 159 -23.69 18.29 -46.21
C ARG D 159 -23.23 19.51 -47.01
N LYS D 160 -21.97 19.89 -46.89
CA LYS D 160 -21.49 21.00 -47.69
C LYS D 160 -21.44 20.64 -49.17
N LEU D 161 -21.04 19.40 -49.49
CA LEU D 161 -21.01 18.99 -50.89
C LEU D 161 -22.43 18.83 -51.45
N GLU D 162 -23.33 18.19 -50.70
CA GLU D 162 -24.72 18.13 -51.13
C GLU D 162 -25.27 19.52 -51.40
N ASN D 163 -25.09 20.46 -50.44
CA ASN D 163 -25.61 21.82 -50.59
C ASN D 163 -25.04 22.51 -51.83
N LEU D 164 -23.72 22.44 -52.01
CA LEU D 164 -23.10 23.15 -53.12
C LEU D 164 -23.45 22.51 -54.46
N THR D 165 -23.61 21.18 -54.47
CA THR D 165 -24.02 20.45 -55.67
C THR D 165 -25.43 20.83 -56.12
N ASP D 166 -26.37 20.85 -55.18
CA ASP D 166 -27.77 21.12 -55.54
C ASP D 166 -27.95 22.53 -56.09
N ILE D 167 -27.07 23.46 -55.69
CA ILE D 167 -27.11 24.81 -56.26
C ILE D 167 -26.60 24.79 -57.69
N GLU D 168 -25.52 24.05 -57.95
CA GLU D 168 -24.98 23.93 -59.31
C GLU D 168 -25.98 23.23 -60.23
N ARG D 169 -26.56 22.13 -59.76
CA ARG D 169 -27.61 21.44 -60.49
C ARG D 169 -28.70 22.43 -60.94
N GLN D 170 -29.37 23.06 -59.97
CA GLN D 170 -30.45 23.98 -60.28
C GLN D 170 -29.97 25.19 -61.10
N LEU D 171 -28.70 25.55 -60.98
CA LEU D 171 -28.17 26.64 -61.81
C LEU D 171 -27.93 26.21 -63.25
N SER D 172 -28.05 24.91 -63.54
CA SER D 172 -27.78 24.36 -64.87
C SER D 172 -29.05 23.95 -65.58
N CYS E 22 15.79 -1.95 -6.10
CA CYS E 22 16.23 -1.72 -4.73
C CYS E 22 17.75 -1.82 -4.60
N SER E 23 18.39 -2.51 -5.53
CA SER E 23 19.84 -2.56 -5.52
C SER E 23 20.44 -1.17 -5.70
N ASP E 24 19.75 -0.29 -6.41
CA ASP E 24 20.27 1.04 -6.60
C ASP E 24 20.15 1.90 -5.35
N ILE E 25 19.19 1.61 -4.46
CA ILE E 25 19.09 2.38 -3.23
C ILE E 25 20.27 2.07 -2.31
N TRP E 26 20.80 0.85 -2.37
CA TRP E 26 21.86 0.45 -1.46
C TRP E 26 23.20 1.09 -1.82
N ALA E 27 23.37 1.51 -3.07
CA ALA E 27 24.63 2.08 -3.53
C ALA E 27 24.76 3.57 -3.21
N LEU E 28 23.65 4.29 -3.08
CA LEU E 28 23.70 5.75 -2.92
C LEU E 28 24.28 6.15 -1.58
N GLN E 29 25.11 7.19 -1.60
CA GLN E 29 25.67 7.82 -0.41
C GLN E 29 25.69 9.34 -0.60
N GLY E 30 26.26 10.03 0.39
CA GLY E 30 26.34 11.47 0.36
C GLY E 30 25.60 12.13 1.49
N LYS E 31 26.00 13.35 1.85
CA LYS E 31 25.31 14.14 2.87
C LYS E 31 23.85 14.36 2.52
N SER E 32 23.44 14.11 1.28
CA SER E 32 22.06 14.33 0.88
C SER E 32 21.17 13.14 1.20
N THR E 33 21.70 11.93 1.10
CA THR E 33 20.93 10.75 1.50
C THR E 33 21.13 10.38 2.96
N GLU E 34 22.24 10.80 3.56
CA GLU E 34 22.55 10.51 4.96
C GLU E 34 21.53 11.11 5.90
N THR E 35 21.14 12.35 5.65
CA THR E 35 20.22 13.08 6.50
C THR E 35 18.79 12.88 6.06
N ASN E 36 18.55 11.90 5.19
CA ASN E 36 17.31 11.76 4.44
C ASN E 36 16.49 10.62 5.05
N PRO E 37 15.48 10.92 5.88
CA PRO E 37 14.71 9.84 6.52
C PRO E 37 13.93 9.00 5.53
N LEU E 38 13.48 9.61 4.43
CA LEU E 38 12.81 8.86 3.38
C LEU E 38 13.74 7.85 2.73
N TYR E 39 15.01 8.25 2.55
CA TYR E 39 15.99 7.32 2.03
C TYR E 39 16.12 6.12 2.95
N TRP E 40 16.24 6.39 4.25
CA TRP E 40 16.46 5.31 5.20
C TRP E 40 15.19 4.47 5.36
N LEU E 41 14.02 5.09 5.20
CA LEU E 41 12.78 4.32 5.20
C LEU E 41 12.73 3.37 4.02
N ARG E 42 13.17 3.83 2.83
CA ARG E 42 13.15 2.99 1.65
C ARG E 42 14.11 1.81 1.82
N ALA E 43 15.35 2.09 2.23
CA ALA E 43 16.33 1.05 2.50
C ALA E 43 15.80 0.01 3.48
N MET E 44 15.06 0.44 4.52
CA MET E 44 14.44 -0.48 5.47
C MET E 44 13.37 -1.36 4.80
N ASP E 45 12.75 -0.87 3.74
CA ASP E 45 11.70 -1.64 3.06
C ASP E 45 12.29 -2.65 2.08
N CYS E 46 13.30 -2.23 1.32
CA CYS E 46 14.02 -3.13 0.41
C CYS E 46 14.70 -4.28 1.16
N ALA E 47 15.17 -4.04 2.38
CA ALA E 47 15.81 -5.14 3.12
C ALA E 47 14.81 -6.21 3.50
N ASP E 48 13.57 -5.81 3.80
CA ASP E 48 12.54 -6.80 4.13
C ASP E 48 12.12 -7.58 2.90
N ARG E 49 12.30 -7.00 1.71
CA ARG E 49 11.94 -7.66 0.47
C ARG E 49 12.87 -8.81 0.12
N LEU E 50 13.97 -8.98 0.85
CA LEU E 50 15.03 -9.91 0.52
C LEU E 50 14.84 -11.26 1.21
N MET E 51 15.67 -12.29 0.75
CA MET E 51 15.82 -13.61 1.33
C MET E 51 17.04 -13.63 2.23
N PRO E 52 16.99 -14.42 3.30
CA PRO E 52 18.07 -14.36 4.31
C PRO E 52 19.49 -14.48 3.76
N ALA E 53 19.72 -15.40 2.82
CA ALA E 53 21.07 -15.51 2.26
C ALA E 53 21.44 -14.25 1.48
N GLN E 54 20.48 -13.70 0.70
CA GLN E 54 20.68 -12.41 0.06
C GLN E 54 20.93 -11.31 1.09
N SER E 55 20.17 -11.32 2.18
CA SER E 55 20.29 -10.28 3.19
C SER E 55 21.68 -10.30 3.81
N ARG E 56 22.12 -11.48 4.25
CA ARG E 56 23.47 -11.58 4.81
C ARG E 56 24.54 -11.21 3.79
N GLN E 57 24.34 -11.58 2.52
CA GLN E 57 25.34 -11.28 1.49
C GLN E 57 25.46 -9.78 1.27
N GLN E 58 24.36 -9.11 0.93
CA GLN E 58 24.35 -7.65 0.79
C GLN E 58 24.96 -6.96 2.03
N ALA E 59 24.72 -7.50 3.22
CA ALA E 59 25.28 -6.90 4.42
C ALA E 59 26.80 -6.83 4.37
N ARG E 60 27.44 -7.79 3.70
CA ARG E 60 28.90 -7.88 3.69
C ARG E 60 29.55 -6.72 2.97
N GLN E 61 28.81 -6.04 2.10
CA GLN E 61 29.35 -4.93 1.33
C GLN E 61 29.56 -3.65 2.16
N TYR E 62 28.99 -3.54 3.35
CA TYR E 62 29.04 -2.29 4.11
C TYR E 62 29.69 -2.57 5.45
N ASP E 63 30.98 -2.89 5.41
CA ASP E 63 31.71 -3.33 6.58
C ASP E 63 32.82 -2.36 6.98
N ASP E 64 32.84 -1.14 6.44
CA ASP E 64 34.03 -0.31 6.61
C ASP E 64 34.12 0.31 8.01
N GLY E 65 33.00 0.53 8.69
CA GLY E 65 33.01 1.03 10.06
C GLY E 65 32.42 2.41 10.28
N SER E 66 32.20 3.20 9.23
CA SER E 66 31.43 4.43 9.34
C SER E 66 30.00 4.15 9.78
N TRP E 67 29.34 5.17 10.34
CA TRP E 67 27.96 5.00 10.77
C TRP E 67 27.06 4.63 9.60
N GLN E 68 27.20 5.34 8.48
CA GLN E 68 26.33 5.08 7.33
C GLN E 68 26.35 3.60 6.97
N ASN E 69 27.55 3.03 6.82
CA ASN E 69 27.64 1.62 6.49
C ASN E 69 27.19 0.74 7.65
N THR E 70 27.51 1.14 8.89
CA THR E 70 27.09 0.35 10.03
C THR E 70 25.57 0.35 10.15
N PHE E 71 24.93 1.48 9.85
CA PHE E 71 23.47 1.52 9.86
C PHE E 71 22.88 0.64 8.76
N LYS E 72 23.41 0.75 7.53
CA LYS E 72 22.94 -0.07 6.42
C LYS E 72 23.15 -1.57 6.68
N GLN E 73 24.38 -1.95 7.03
CA GLN E 73 24.68 -3.35 7.37
C GLN E 73 23.81 -3.83 8.51
N GLY E 74 23.50 -2.93 9.45
CA GLY E 74 22.62 -3.32 10.54
C GLY E 74 21.20 -3.55 10.07
N ILE E 75 20.68 -2.65 9.22
CA ILE E 75 19.34 -2.83 8.65
C ILE E 75 19.26 -4.12 7.86
N LEU E 76 20.35 -4.48 7.19
CA LEU E 76 20.27 -5.66 6.33
C LEU E 76 20.40 -6.94 7.17
N LEU E 77 21.29 -6.94 8.17
CA LEU E 77 21.47 -8.14 8.99
C LEU E 77 20.28 -8.41 9.88
N ALA E 78 19.48 -7.40 10.17
CA ALA E 78 18.42 -7.69 11.13
C ALA E 78 17.30 -8.54 10.52
N ASP E 79 17.47 -9.02 9.29
CA ASP E 79 16.56 -9.95 8.61
C ASP E 79 17.33 -11.13 8.04
N ALA E 80 18.23 -11.72 8.82
CA ALA E 80 19.17 -12.66 8.23
C ALA E 80 19.30 -13.97 9.00
N LYS E 81 18.34 -14.30 9.86
CA LYS E 81 18.41 -15.55 10.64
C LYS E 81 19.72 -15.61 11.44
N ILE E 82 20.01 -14.54 12.18
CA ILE E 82 21.19 -14.46 13.03
C ILE E 82 20.89 -15.08 14.40
N THR E 83 21.94 -15.33 15.16
CA THR E 83 21.75 -15.67 16.55
C THR E 83 21.30 -14.40 17.29
N PRO E 84 20.74 -14.52 18.49
CA PRO E 84 20.52 -13.29 19.28
C PRO E 84 21.81 -12.60 19.69
N TYR E 85 22.91 -13.34 19.91
CA TYR E 85 24.18 -12.71 20.18
C TYR E 85 24.62 -11.83 19.02
N GLU E 86 24.50 -12.35 17.79
CA GLU E 86 24.80 -11.54 16.61
C GLU E 86 23.91 -10.31 16.57
N ARG E 87 22.66 -10.44 17.01
CA ARG E 87 21.77 -9.28 17.04
C ARG E 87 22.27 -8.19 18.00
N ARG E 88 22.74 -8.58 19.19
CA ARG E 88 23.20 -7.56 20.14
C ARG E 88 24.52 -6.94 19.69
N GLN E 89 25.36 -7.70 18.99
N GLN E 89 25.36 -7.70 18.99
CA GLN E 89 26.55 -7.11 18.40
CA GLN E 89 26.55 -7.11 18.40
C GLN E 89 26.19 -6.02 17.39
C GLN E 89 26.19 -6.02 17.40
N LEU E 90 25.21 -6.29 16.53
CA LEU E 90 24.82 -5.29 15.55
C LEU E 90 24.20 -4.07 16.23
N VAL E 91 23.46 -4.28 17.31
CA VAL E 91 22.81 -3.16 18.01
C VAL E 91 23.85 -2.21 18.58
N ALA E 92 24.84 -2.77 19.29
CA ALA E 92 25.87 -1.96 19.93
C ALA E 92 26.84 -1.33 18.93
N ARG E 93 26.97 -1.93 17.74
CA ARG E 93 27.89 -1.38 16.73
C ARG E 93 27.43 -0.01 16.26
N ILE E 94 26.15 0.13 15.98
CA ILE E 94 25.60 1.42 15.58
C ILE E 94 25.36 2.31 16.79
N GLU E 95 24.98 1.73 17.94
CA GLU E 95 24.71 2.55 19.12
C GLU E 95 25.96 3.28 19.61
N ALA E 96 27.14 2.70 19.40
CA ALA E 96 28.38 3.43 19.69
C ALA E 96 28.51 4.68 18.82
N LEU E 97 28.05 4.62 17.56
CA LEU E 97 28.13 5.75 16.65
C LEU E 97 26.81 6.49 16.51
N SER E 98 25.90 6.35 17.48
CA SER E 98 24.55 6.88 17.35
C SER E 98 24.49 8.39 17.59
N THR E 99 25.54 8.99 18.12
CA THR E 99 25.58 10.45 18.16
C THR E 99 26.01 11.04 16.82
N GLU E 100 26.27 10.21 15.81
CA GLU E 100 26.47 10.69 14.46
C GLU E 100 25.18 10.75 13.66
N ILE E 101 24.09 10.17 14.16
CA ILE E 101 22.80 10.18 13.44
C ILE E 101 22.34 11.61 13.23
N PRO E 102 22.01 12.02 12.01
CA PRO E 102 21.48 13.36 11.80
C PRO E 102 20.16 13.53 12.54
N ALA E 103 19.96 14.74 13.05
CA ALA E 103 18.75 15.07 13.81
C ALA E 103 17.48 14.66 13.08
N GLN E 104 17.38 14.97 11.78
CA GLN E 104 16.24 14.56 10.97
C GLN E 104 16.03 13.04 11.00
N VAL E 105 17.13 12.28 11.00
CA VAL E 105 17.07 10.82 10.95
C VAL E 105 16.88 10.21 12.35
N ARG E 106 17.15 10.98 13.40
CA ARG E 106 17.05 10.50 14.78
C ARG E 106 15.77 9.73 15.11
N PRO E 107 14.55 10.25 14.85
CA PRO E 107 13.34 9.51 15.26
C PRO E 107 13.15 8.19 14.54
N LEU E 108 13.58 8.09 13.27
CA LEU E 108 13.49 6.82 12.55
C LEU E 108 14.44 5.78 13.14
N TYR E 109 15.70 6.17 13.36
CA TYR E 109 16.70 5.29 13.95
C TYR E 109 16.23 4.77 15.31
N GLN E 110 15.76 5.66 16.18
CA GLN E 110 15.35 5.26 17.52
C GLN E 110 14.26 4.21 17.44
N LEU E 111 13.25 4.45 16.60
CA LEU E 111 12.22 3.47 16.35
C LEU E 111 12.82 2.14 15.89
N TRP E 112 13.71 2.20 14.91
CA TRP E 112 14.29 0.98 14.37
C TRP E 112 15.11 0.26 15.44
N ARG E 113 15.87 1.00 16.24
CA ARG E 113 16.70 0.38 17.28
C ARG E 113 15.85 -0.12 18.45
N ASP E 114 14.79 0.61 18.80
CA ASP E 114 13.83 0.11 19.80
C ASP E 114 13.39 -1.29 19.44
N GLY E 115 13.03 -1.51 18.17
CA GLY E 115 12.58 -2.81 17.73
C GLY E 115 13.62 -3.89 17.93
N GLN E 116 14.89 -3.57 17.63
CA GLN E 116 15.96 -4.56 17.74
C GLN E 116 16.23 -4.87 19.21
N ALA E 117 16.27 -3.83 20.05
CA ALA E 117 16.40 -4.01 21.49
C ALA E 117 15.28 -4.88 22.05
N LEU E 118 14.07 -4.71 21.52
CA LEU E 118 12.96 -5.54 21.96
C LEU E 118 13.10 -6.98 21.49
N GLN E 119 13.61 -7.18 20.28
CA GLN E 119 13.89 -8.55 19.83
C GLN E 119 14.96 -9.19 20.69
N LEU E 120 15.83 -8.37 21.28
CA LEU E 120 16.87 -8.85 22.17
C LEU E 120 16.32 -9.18 23.55
N GLN E 121 15.32 -8.41 24.04
CA GLN E 121 14.71 -8.75 25.31
C GLN E 121 13.83 -9.98 25.20
N LEU E 122 13.24 -10.21 24.03
CA LEU E 122 12.45 -11.42 23.87
C LEU E 122 13.34 -12.65 23.98
N ALA E 123 14.55 -12.56 23.45
CA ALA E 123 15.46 -13.69 23.47
C ALA E 123 16.01 -13.95 24.87
N GLU E 124 16.18 -12.90 25.67
CA GLU E 124 16.67 -13.10 27.04
C GLU E 124 15.55 -13.56 27.98
N GLU E 125 14.28 -13.34 27.63
CA GLU E 125 13.19 -13.88 28.43
C GLU E 125 12.99 -15.37 28.16
N ARG E 126 13.10 -15.78 26.89
CA ARG E 126 13.09 -17.21 26.59
C ARG E 126 14.26 -17.92 27.27
N GLN E 127 15.40 -17.23 27.38
CA GLN E 127 16.53 -17.80 28.08
C GLN E 127 16.24 -17.90 29.57
N ARG E 128 15.78 -16.80 30.18
CA ARG E 128 15.30 -16.82 31.56
C ARG E 128 14.32 -17.96 31.80
N TYR E 129 13.38 -18.16 30.87
CA TYR E 129 12.32 -19.15 31.07
C TYR E 129 12.89 -20.56 31.04
N SER E 130 13.64 -20.90 30.00
CA SER E 130 14.26 -22.22 29.95
C SER E 130 15.22 -22.44 31.10
N LYS E 131 15.82 -21.37 31.63
CA LYS E 131 16.72 -21.48 32.77
C LYS E 131 15.98 -21.57 34.10
N LEU E 132 14.66 -21.36 34.11
CA LEU E 132 13.88 -21.79 35.27
C LEU E 132 13.19 -23.12 35.03
N GLN E 133 12.90 -23.44 33.77
CA GLN E 133 12.43 -24.76 33.38
C GLN E 133 13.39 -25.83 33.89
N GLN E 134 14.63 -25.78 33.42
CA GLN E 134 15.63 -26.75 33.84
C GLN E 134 15.88 -26.66 35.34
N SER E 135 15.88 -25.45 35.89
CA SER E 135 16.19 -25.26 37.30
C SER E 135 15.13 -25.90 38.20
N SER E 136 13.86 -25.57 37.97
CA SER E 136 12.80 -26.11 38.82
C SER E 136 12.64 -27.60 38.60
N ASP E 137 12.64 -28.05 37.34
CA ASP E 137 12.44 -29.47 37.04
C ASP E 137 13.50 -30.35 37.67
N SER E 138 14.69 -29.81 37.94
CA SER E 138 15.79 -30.61 38.45
C SER E 138 15.71 -30.81 39.96
N GLU E 139 15.35 -29.77 40.70
CA GLU E 139 15.20 -29.91 42.14
C GLU E 139 13.86 -30.50 42.54
N LEU E 140 12.85 -30.43 41.66
CA LEU E 140 11.63 -31.19 41.90
C LEU E 140 11.91 -32.69 41.85
N ASP E 141 12.80 -33.12 40.95
CA ASP E 141 13.14 -34.54 40.84
C ASP E 141 13.89 -35.04 42.06
N THR E 142 14.76 -34.20 42.62
CA THR E 142 15.49 -34.57 43.83
C THR E 142 14.55 -34.67 45.03
N LEU E 143 13.54 -33.81 45.08
CA LEU E 143 12.49 -33.91 46.09
C LEU E 143 11.64 -35.16 45.86
N ARG E 144 11.20 -35.40 44.63
CA ARG E 144 10.31 -36.52 44.37
C ARG E 144 10.97 -37.85 44.71
N GLN E 145 12.26 -37.97 44.42
CA GLN E 145 12.99 -39.20 44.71
C GLN E 145 13.22 -39.37 46.20
N GLN E 146 13.73 -38.33 46.86
CA GLN E 146 13.83 -38.37 48.31
C GLN E 146 12.50 -38.70 48.96
N HIS E 147 11.40 -38.27 48.34
CA HIS E 147 10.10 -38.46 48.95
C HIS E 147 9.70 -39.93 48.97
N HIS E 148 10.02 -40.65 47.90
CA HIS E 148 9.77 -42.10 47.88
C HIS E 148 10.67 -42.82 48.87
N VAL E 149 11.94 -42.43 48.95
CA VAL E 149 12.86 -43.03 49.91
C VAL E 149 12.30 -42.94 51.33
N LEU E 150 11.89 -41.73 51.74
CA LEU E 150 11.35 -41.56 53.07
C LEU E 150 9.99 -42.21 53.24
N GLN E 151 9.19 -42.30 52.18
CA GLN E 151 7.87 -42.91 52.31
C GLN E 151 8.00 -44.39 52.64
N GLN E 152 9.00 -45.05 52.05
CA GLN E 152 9.21 -46.47 52.27
C GLN E 152 9.87 -46.74 53.62
N GLN E 153 10.78 -45.86 54.04
CA GLN E 153 11.36 -45.98 55.38
C GLN E 153 10.26 -45.91 56.42
N LEU E 154 9.36 -44.95 56.26
CA LEU E 154 8.29 -44.78 57.22
C LEU E 154 7.36 -45.98 57.24
N GLU E 155 7.02 -46.50 56.06
CA GLU E 155 6.11 -47.63 56.03
C GLU E 155 6.76 -48.92 56.53
N LEU E 156 8.09 -49.06 56.38
CA LEU E 156 8.76 -50.23 56.94
C LEU E 156 8.81 -50.13 58.46
N THR E 157 9.13 -48.94 58.96
CA THR E 157 9.19 -48.62 60.39
C THR E 157 7.80 -48.62 61.01
N THR E 158 6.83 -48.06 60.31
CA THR E 158 5.46 -48.03 60.82
C THR E 158 4.91 -49.45 60.99
N ARG E 159 5.05 -50.29 59.95
CA ARG E 159 4.56 -51.66 60.04
C ARG E 159 5.26 -52.43 61.15
N LYS E 160 6.56 -52.24 61.30
CA LYS E 160 7.30 -52.93 62.35
C LYS E 160 6.80 -52.53 63.74
N LEU E 161 6.42 -51.26 63.92
CA LEU E 161 5.92 -50.84 65.22
C LEU E 161 4.55 -51.42 65.51
N GLU E 162 3.67 -51.50 64.51
CA GLU E 162 2.37 -52.08 64.81
C GLU E 162 2.48 -53.60 65.00
N ASN E 163 3.35 -54.27 64.22
CA ASN E 163 3.59 -55.69 64.43
C ASN E 163 4.11 -55.95 65.85
N LEU E 164 5.11 -55.18 66.29
CA LEU E 164 5.72 -55.44 67.60
C LEU E 164 4.80 -55.02 68.73
N THR E 165 4.09 -53.90 68.56
CA THR E 165 3.17 -53.44 69.60
C THR E 165 2.05 -54.46 69.82
N ASP E 166 1.46 -54.97 68.75
CA ASP E 166 0.30 -55.86 68.86
C ASP E 166 0.66 -57.21 69.47
N ILE E 167 1.90 -57.66 69.28
CA ILE E 167 2.36 -58.89 69.93
C ILE E 167 2.51 -58.69 71.42
N GLU E 168 3.10 -57.55 71.84
CA GLU E 168 3.32 -57.31 73.26
C GLU E 168 2.10 -56.84 74.02
N ARG E 169 0.90 -57.23 73.55
N ARG E 169 0.90 -57.22 73.55
CA ARG E 169 -0.29 -57.02 74.38
CA ARG E 169 -0.28 -57.02 74.39
C ARG E 169 -0.28 -57.92 75.60
C ARG E 169 -0.23 -57.90 75.62
N GLN E 170 0.36 -59.09 75.49
CA GLN E 170 0.51 -60.03 76.59
C GLN E 170 1.34 -59.47 77.75
N CYS F 22 5.59 21.46 18.96
CA CYS F 22 5.02 20.14 18.77
C CYS F 22 3.50 20.19 18.83
N SER F 23 2.96 21.04 19.70
CA SER F 23 1.51 21.12 19.87
C SER F 23 0.79 21.37 18.56
N ASP F 24 1.47 22.01 17.60
CA ASP F 24 0.86 22.25 16.30
C ASP F 24 0.65 20.95 15.55
N ILE F 25 1.63 20.03 15.60
CA ILE F 25 1.57 18.79 14.84
C ILE F 25 0.22 18.10 15.03
N TRP F 26 -0.24 18.05 16.29
CA TRP F 26 -1.41 17.26 16.65
C TRP F 26 -2.68 17.78 15.98
N ALA F 27 -2.66 19.01 15.47
CA ALA F 27 -3.85 19.62 14.89
C ALA F 27 -3.97 19.44 13.38
N LEU F 28 -2.86 19.24 12.66
CA LEU F 28 -2.92 19.16 11.20
C LEU F 28 -3.70 17.94 10.71
N GLN F 29 -4.48 18.16 9.66
CA GLN F 29 -5.20 17.09 8.96
C GLN F 29 -5.37 17.51 7.51
N GLY F 30 -5.46 16.52 6.61
CA GLY F 30 -5.54 16.81 5.19
C GLY F 30 -4.76 15.83 4.35
N LYS F 31 -4.95 15.85 3.03
CA LYS F 31 -4.32 14.87 2.16
C LYS F 31 -2.81 15.05 2.10
N SER F 32 -2.33 16.29 2.11
CA SER F 32 -0.90 16.50 1.98
C SER F 32 -0.16 16.27 3.28
N THR F 33 -0.83 16.38 4.42
CA THR F 33 -0.16 16.06 5.67
C THR F 33 -0.32 14.59 6.06
N GLU F 34 -1.50 14.00 5.86
CA GLU F 34 -1.70 12.64 6.31
C GLU F 34 -1.02 11.62 5.41
N THR F 35 -0.49 12.02 4.25
CA THR F 35 0.24 11.10 3.39
C THR F 35 1.74 11.31 3.44
N ASN F 36 2.24 12.19 4.31
CA ASN F 36 3.67 12.46 4.36
C ASN F 36 4.29 11.69 5.52
N PRO F 37 5.20 10.74 5.27
CA PRO F 37 5.81 10.00 6.39
C PRO F 37 6.55 10.90 7.38
N LEU F 38 7.09 12.03 6.92
CA LEU F 38 7.77 12.96 7.81
C LEU F 38 6.82 13.52 8.86
N TYR F 39 5.54 13.63 8.54
CA TYR F 39 4.59 14.12 9.53
C TYR F 39 4.39 13.09 10.63
N TRP F 40 4.05 11.87 10.24
CA TRP F 40 3.89 10.81 11.24
C TRP F 40 5.16 10.65 12.06
N LEU F 41 6.31 10.65 11.37
CA LEU F 41 7.58 10.55 12.07
C LEU F 41 7.77 11.68 13.08
N ARG F 42 7.40 12.91 12.70
CA ARG F 42 7.45 14.02 13.64
C ARG F 42 6.44 13.83 14.77
N ALA F 43 5.26 13.29 14.44
CA ALA F 43 4.27 12.92 15.45
C ALA F 43 4.81 11.92 16.44
N MET F 44 5.57 10.92 15.96
CA MET F 44 6.12 9.95 16.89
C MET F 44 7.16 10.60 17.81
N ASP F 45 7.87 11.60 17.30
CA ASP F 45 8.85 12.30 18.12
C ASP F 45 8.18 13.12 19.21
N CYS F 46 7.05 13.77 18.89
CA CYS F 46 6.36 14.61 19.85
C CYS F 46 5.82 13.81 21.02
N ALA F 47 5.20 12.66 20.75
CA ALA F 47 4.64 11.82 21.79
C ALA F 47 5.70 11.18 22.67
N ASP F 48 6.94 11.09 22.17
CA ASP F 48 8.07 10.67 23.00
C ASP F 48 8.53 11.76 23.96
N ARG F 49 8.01 12.98 23.81
CA ARG F 49 8.35 14.11 24.66
C ARG F 49 7.32 14.35 25.75
N LEU F 50 6.06 14.05 25.48
CA LEU F 50 5.00 14.33 26.43
C LEU F 50 5.06 13.37 27.60
N MET F 51 5.13 13.93 28.81
CA MET F 51 5.00 13.12 30.01
C MET F 51 3.67 12.36 29.98
N PRO F 52 3.61 11.16 30.55
CA PRO F 52 2.35 10.39 30.51
C PRO F 52 1.16 11.18 31.01
N ALA F 53 1.37 12.13 31.92
CA ALA F 53 0.28 13.04 32.30
C ALA F 53 -0.22 13.79 31.07
N GLN F 54 0.67 14.55 30.42
CA GLN F 54 0.30 15.29 29.22
C GLN F 54 -0.04 14.35 28.07
N SER F 55 0.69 13.24 27.95
CA SER F 55 0.44 12.29 26.86
C SER F 55 -0.92 11.63 26.99
N ARG F 56 -1.42 11.48 28.21
CA ARG F 56 -2.69 10.78 28.42
C ARG F 56 -3.85 11.58 27.85
N GLN F 57 -4.07 12.78 28.38
CA GLN F 57 -5.21 13.57 27.92
C GLN F 57 -4.97 14.11 26.52
N GLN F 58 -3.73 14.34 26.11
CA GLN F 58 -3.51 14.69 24.71
C GLN F 58 -4.04 13.58 23.79
N ALA F 59 -4.10 12.36 24.29
CA ALA F 59 -4.60 11.24 23.51
C ALA F 59 -6.12 11.14 23.51
N ARG F 60 -6.78 11.64 24.56
CA ARG F 60 -8.23 11.49 24.64
C ARG F 60 -8.97 12.34 23.60
N GLN F 61 -8.37 13.43 23.11
CA GLN F 61 -9.09 14.31 22.18
C GLN F 61 -9.68 13.59 20.99
N TYR F 62 -9.08 12.49 20.58
CA TYR F 62 -9.43 11.85 19.33
C TYR F 62 -10.44 10.74 19.57
N ASP F 63 -11.00 10.23 18.48
CA ASP F 63 -12.00 9.17 18.53
C ASP F 63 -11.43 7.88 17.94
N ASP F 64 -12.32 6.93 17.66
CA ASP F 64 -11.94 5.60 17.22
C ASP F 64 -12.35 5.27 15.79
N GLY F 65 -13.11 6.14 15.12
CA GLY F 65 -13.46 5.91 13.74
C GLY F 65 -12.45 6.49 12.78
N SER F 66 -12.12 7.76 12.96
CA SER F 66 -11.16 8.46 12.11
C SER F 66 -9.83 7.71 12.09
N TRP F 67 -9.41 7.28 10.89
N TRP F 67 -9.42 7.29 10.89
CA TRP F 67 -8.17 6.49 10.82
CA TRP F 67 -8.19 6.50 10.77
C TRP F 67 -6.96 7.33 11.17
C TRP F 67 -6.97 7.33 11.15
N GLN F 68 -6.93 8.61 10.77
CA GLN F 68 -5.83 9.48 11.15
C GLN F 68 -5.79 9.68 12.65
N ASN F 69 -6.90 10.12 13.24
CA ASN F 69 -6.92 10.38 14.67
C ASN F 69 -6.77 9.10 15.48
N THR F 70 -7.21 7.96 14.92
CA THR F 70 -6.98 6.68 15.59
C THR F 70 -5.50 6.35 15.64
N PHE F 71 -4.78 6.60 14.53
CA PHE F 71 -3.34 6.38 14.49
C PHE F 71 -2.63 7.35 15.42
N LYS F 72 -3.02 8.63 15.42
CA LYS F 72 -2.46 9.57 16.41
C LYS F 72 -2.77 9.09 17.83
N GLN F 73 -3.98 8.56 18.04
CA GLN F 73 -4.31 7.92 19.31
C GLN F 73 -3.29 6.84 19.65
N GLY F 74 -3.01 5.96 18.67
CA GLY F 74 -1.97 4.96 18.86
C GLY F 74 -0.63 5.58 19.24
N ILE F 75 -0.25 6.65 18.53
CA ILE F 75 1.09 7.23 18.74
C ILE F 75 1.23 7.75 20.15
N LEU F 76 0.22 8.49 20.65
CA LEU F 76 0.33 9.10 21.96
C LEU F 76 0.27 8.06 23.07
N LEU F 77 -0.79 7.25 23.09
CA LEU F 77 -1.05 6.37 24.22
C LEU F 77 0.03 5.33 24.43
N ALA F 78 0.66 4.87 23.34
CA ALA F 78 1.74 3.90 23.47
C ALA F 78 2.88 4.44 24.33
N ASP F 79 3.13 5.74 24.27
CA ASP F 79 4.16 6.36 25.10
C ASP F 79 3.69 6.58 26.53
N ALA F 80 2.38 6.67 26.76
CA ALA F 80 1.85 6.83 28.11
C ALA F 80 1.88 5.50 28.84
N LYS F 81 2.24 5.54 30.13
CA LYS F 81 2.41 4.33 30.92
C LYS F 81 1.07 3.64 31.07
N ILE F 82 0.81 2.69 30.17
CA ILE F 82 -0.47 2.00 30.06
C ILE F 82 -0.30 0.52 30.32
N THR F 83 -1.41 -0.24 30.22
CA THR F 83 -1.52 -1.66 30.53
C THR F 83 -1.36 -2.53 29.29
N PRO F 84 -0.83 -3.74 29.44
CA PRO F 84 -0.82 -4.69 28.32
C PRO F 84 -2.19 -4.99 27.75
N TYR F 85 -3.27 -4.77 28.50
CA TYR F 85 -4.60 -4.89 27.92
C TYR F 85 -4.93 -3.70 27.03
N GLU F 86 -4.70 -2.49 27.54
CA GLU F 86 -4.93 -1.28 26.75
C GLU F 86 -4.12 -1.31 25.46
N ARG F 87 -2.91 -1.89 25.49
CA ARG F 87 -2.10 -2.00 24.29
C ARG F 87 -2.69 -3.03 23.32
N ARG F 88 -3.07 -4.21 23.83
CA ARG F 88 -3.61 -5.25 22.96
C ARG F 88 -4.84 -4.76 22.19
N GLN F 89 -5.56 -3.78 22.72
CA GLN F 89 -6.67 -3.18 22.00
C GLN F 89 -6.18 -2.10 21.04
N LEU F 90 -5.44 -1.11 21.57
CA LEU F 90 -5.02 0.06 20.80
C LEU F 90 -4.19 -0.30 19.57
N VAL F 91 -3.85 -1.57 19.41
CA VAL F 91 -3.16 -2.05 18.22
C VAL F 91 -4.12 -2.76 17.27
N ALA F 92 -4.91 -3.71 17.79
CA ALA F 92 -5.98 -4.29 16.97
C ALA F 92 -6.97 -3.24 16.51
N ARG F 93 -7.06 -2.12 17.25
CA ARG F 93 -7.91 -1.01 16.84
C ARG F 93 -7.36 -0.33 15.59
N ILE F 94 -6.11 0.13 15.65
CA ILE F 94 -5.47 0.71 14.46
C ILE F 94 -5.26 -0.36 13.39
N GLU F 95 -5.19 -1.63 13.78
CA GLU F 95 -5.08 -2.71 12.80
C GLU F 95 -6.35 -2.85 11.96
N ALA F 96 -7.41 -2.15 12.35
CA ALA F 96 -8.65 -2.20 11.54
C ALA F 96 -8.47 -1.31 10.30
N LEU F 97 -8.35 0.00 10.50
CA LEU F 97 -8.11 0.94 9.38
C LEU F 97 -6.66 0.80 8.92
N SER F 98 -6.16 -0.43 8.83
CA SER F 98 -4.80 -0.69 8.37
C SER F 98 -4.70 -1.01 6.90
N THR F 99 -5.81 -1.26 6.22
CA THR F 99 -5.81 -1.45 4.79
C THR F 99 -6.09 -0.15 4.02
N GLU F 100 -6.37 0.94 4.74
CA GLU F 100 -6.63 2.23 4.13
C GLU F 100 -5.59 3.24 4.59
N ILE F 101 -4.33 2.81 4.65
CA ILE F 101 -3.21 3.66 5.05
C ILE F 101 -2.42 4.03 3.82
N PRO F 102 -2.09 5.31 3.63
CA PRO F 102 -1.51 5.75 2.35
C PRO F 102 -0.20 5.04 2.08
N ALA F 103 -0.05 4.57 0.83
CA ALA F 103 1.01 3.63 0.48
C ALA F 103 2.40 4.14 0.80
N GLN F 104 2.62 5.45 0.75
CA GLN F 104 3.94 5.95 1.11
C GLN F 104 4.15 5.91 2.62
N VAL F 105 3.07 5.83 3.39
CA VAL F 105 3.17 5.74 4.85
C VAL F 105 3.21 4.31 5.35
N ARG F 106 3.08 3.31 4.47
CA ARG F 106 3.06 1.93 4.94
C ARG F 106 4.41 1.42 5.44
N PRO F 107 5.55 1.88 4.90
CA PRO F 107 6.82 1.49 5.54
C PRO F 107 6.90 1.92 7.00
N LEU F 108 6.51 3.17 7.30
CA LEU F 108 6.69 3.72 8.64
C LEU F 108 5.73 3.06 9.63
N TYR F 109 4.45 2.97 9.25
CA TYR F 109 3.43 2.39 10.12
C TYR F 109 3.74 0.91 10.41
N GLN F 110 4.27 0.20 9.42
CA GLN F 110 4.62 -1.20 9.63
C GLN F 110 5.67 -1.33 10.73
N LEU F 111 6.77 -0.58 10.60
CA LEU F 111 7.80 -0.54 11.64
C LEU F 111 7.22 -0.18 13.01
N TRP F 112 6.35 0.83 13.07
CA TRP F 112 5.80 1.23 14.35
C TRP F 112 4.81 0.19 14.88
N ARG F 113 3.98 -0.38 14.01
CA ARG F 113 3.05 -1.40 14.48
C ARG F 113 3.80 -2.60 15.02
N ASP F 114 4.92 -2.97 14.36
CA ASP F 114 5.73 -4.09 14.84
C ASP F 114 6.31 -3.81 16.22
N GLY F 115 6.81 -2.58 16.43
CA GLY F 115 7.25 -2.20 17.77
C GLY F 115 6.20 -2.49 18.83
N GLN F 116 4.96 -2.08 18.57
CA GLN F 116 3.87 -2.36 19.51
C GLN F 116 3.61 -3.85 19.65
N ALA F 117 3.71 -4.62 18.56
CA ALA F 117 3.42 -6.04 18.65
C ALA F 117 4.49 -6.78 19.45
N LEU F 118 5.76 -6.39 19.31
CA LEU F 118 6.85 -6.96 20.09
C LEU F 118 6.71 -6.65 21.58
N GLN F 119 6.22 -5.45 21.91
CA GLN F 119 6.05 -5.12 23.32
C GLN F 119 4.90 -5.90 23.94
N LEU F 120 3.82 -6.15 23.17
CA LEU F 120 2.76 -7.01 23.64
C LEU F 120 3.24 -8.45 23.77
N GLN F 121 4.17 -8.85 22.90
CA GLN F 121 4.71 -10.20 22.94
C GLN F 121 5.63 -10.38 24.15
N LEU F 122 6.38 -9.34 24.51
CA LEU F 122 7.20 -9.40 25.71
C LEU F 122 6.33 -9.37 26.96
N ALA F 123 5.25 -8.58 26.93
CA ALA F 123 4.35 -8.48 28.08
C ALA F 123 3.66 -9.80 28.40
N GLU F 124 3.69 -10.76 27.49
CA GLU F 124 3.03 -12.00 27.77
C GLU F 124 4.00 -13.16 27.96
N GLU F 125 5.19 -13.09 27.36
CA GLU F 125 6.27 -13.95 27.83
C GLU F 125 6.62 -13.63 29.27
N ARG F 126 6.55 -12.36 29.66
CA ARG F 126 6.81 -11.99 31.04
C ARG F 126 5.72 -12.52 31.97
N GLN F 127 4.51 -12.77 31.44
CA GLN F 127 3.46 -13.39 32.22
C GLN F 127 3.43 -14.90 32.06
N ARG F 128 4.15 -15.44 31.08
CA ARG F 128 4.35 -16.88 31.04
C ARG F 128 5.44 -17.31 32.01
N TYR F 129 6.48 -16.50 32.17
CA TYR F 129 7.50 -16.76 33.18
C TYR F 129 6.93 -16.57 34.57
N SER F 130 6.07 -15.56 34.76
CA SER F 130 5.43 -15.35 36.04
C SER F 130 4.53 -16.53 36.40
N LYS F 131 3.79 -17.06 35.42
CA LYS F 131 2.98 -18.26 35.69
C LYS F 131 3.87 -19.44 36.05
N LEU F 132 5.02 -19.59 35.39
CA LEU F 132 5.95 -20.66 35.74
C LEU F 132 6.46 -20.47 37.17
N GLN F 133 7.03 -19.30 37.46
CA GLN F 133 7.42 -18.92 38.82
C GLN F 133 6.40 -19.39 39.86
N GLN F 134 5.14 -18.96 39.71
CA GLN F 134 4.12 -19.29 40.71
C GLN F 134 3.86 -20.80 40.81
N SER F 135 3.83 -21.49 39.67
CA SER F 135 3.40 -22.89 39.63
C SER F 135 4.50 -23.84 40.14
N SER F 136 5.74 -23.66 39.68
CA SER F 136 6.80 -24.55 40.12
C SER F 136 7.16 -24.33 41.58
N ASP F 137 7.15 -23.07 42.03
CA ASP F 137 7.34 -22.79 43.44
C ASP F 137 6.23 -23.39 44.29
N SER F 138 5.00 -23.40 43.77
CA SER F 138 3.90 -24.03 44.48
C SER F 138 3.99 -25.54 44.46
N GLU F 139 4.66 -26.12 43.48
CA GLU F 139 4.90 -27.56 43.49
C GLU F 139 6.11 -27.92 44.36
N LEU F 140 7.09 -27.03 44.41
CA LEU F 140 8.22 -27.24 45.32
C LEU F 140 7.78 -27.11 46.78
N ASP F 141 6.93 -26.13 47.10
CA ASP F 141 6.53 -25.95 48.48
C ASP F 141 5.76 -27.16 48.98
N THR F 142 4.85 -27.66 48.17
CA THR F 142 4.11 -28.87 48.50
C THR F 142 5.08 -30.00 48.89
N LEU F 143 5.99 -30.34 47.98
CA LEU F 143 6.94 -31.39 48.28
C LEU F 143 7.79 -31.06 49.50
N ARG F 144 8.15 -29.78 49.66
CA ARG F 144 9.02 -29.39 50.77
C ARG F 144 8.33 -29.62 52.11
N GLN F 145 7.04 -29.27 52.20
CA GLN F 145 6.33 -29.43 53.46
C GLN F 145 5.91 -30.87 53.70
N GLN F 146 5.68 -31.64 52.63
CA GLN F 146 5.45 -33.06 52.75
C GLN F 146 6.69 -33.77 53.28
N HIS F 147 7.86 -33.40 52.75
CA HIS F 147 9.14 -33.93 53.24
C HIS F 147 9.29 -33.70 54.73
N HIS F 148 8.86 -32.55 55.23
CA HIS F 148 8.96 -32.26 56.64
C HIS F 148 8.01 -33.15 57.44
N VAL F 149 6.77 -33.29 56.98
CA VAL F 149 5.83 -34.14 57.70
C VAL F 149 6.30 -35.59 57.71
N LEU F 150 6.80 -36.08 56.56
CA LEU F 150 7.39 -37.41 56.50
C LEU F 150 8.52 -37.56 57.50
N GLN F 151 9.44 -36.59 57.52
CA GLN F 151 10.59 -36.62 58.43
C GLN F 151 10.13 -36.72 59.89
N GLN F 152 9.16 -35.89 60.26
CA GLN F 152 8.69 -35.85 61.64
C GLN F 152 8.12 -37.21 62.04
N GLN F 153 7.16 -37.70 61.24
CA GLN F 153 6.55 -39.00 61.46
C GLN F 153 7.59 -40.10 61.61
N LEU F 154 8.72 -40.01 60.88
CA LEU F 154 9.72 -41.08 60.89
C LEU F 154 10.61 -41.02 62.12
N GLU F 155 10.99 -39.82 62.56
CA GLU F 155 11.75 -39.73 63.81
C GLU F 155 10.89 -40.15 64.99
N LEU F 156 9.59 -39.83 64.95
CA LEU F 156 8.68 -40.20 66.04
C LEU F 156 8.52 -41.72 66.14
N THR F 157 8.19 -42.37 65.02
CA THR F 157 8.07 -43.82 65.01
C THR F 157 9.37 -44.50 65.36
N THR F 158 10.52 -43.90 64.99
CA THR F 158 11.78 -44.50 65.37
C THR F 158 12.01 -44.40 66.88
N ARG F 159 11.60 -43.27 67.46
CA ARG F 159 11.71 -43.11 68.91
C ARG F 159 10.90 -44.18 69.64
N LYS F 160 9.67 -44.41 69.20
CA LYS F 160 8.81 -45.36 69.88
C LYS F 160 9.28 -46.80 69.69
N LEU F 161 9.97 -47.11 68.59
CA LEU F 161 10.67 -48.40 68.48
C LEU F 161 11.77 -48.49 69.52
N GLU F 162 12.60 -47.45 69.63
CA GLU F 162 13.69 -47.45 70.59
C GLU F 162 13.16 -47.48 72.01
N ASN F 163 11.99 -46.88 72.26
CA ASN F 163 11.40 -46.95 73.59
C ASN F 163 10.98 -48.38 73.93
N LEU F 164 10.59 -49.17 72.93
CA LEU F 164 10.18 -50.56 73.14
C LEU F 164 11.35 -51.49 73.37
N THR F 165 12.58 -51.05 73.08
CA THR F 165 13.77 -51.86 73.33
C THR F 165 14.02 -51.94 74.83
N ASP F 166 13.78 -53.11 75.42
CA ASP F 166 13.83 -53.28 76.86
C ASP F 166 15.26 -53.50 77.34
C ACT G . 8.71 54.28 -3.35
O ACT G . 8.52 53.15 -3.77
OXT ACT G . 7.79 55.11 -3.01
CH3 ACT G . 10.17 54.89 -3.18
C1 EDO H . 5.09 54.15 1.55
O1 EDO H . 4.58 52.81 1.34
C2 EDO H . 4.79 55.09 0.38
O2 EDO H . 6.00 55.70 -0.15
N SER I . 32.91 -24.37 -47.74
CA SER I . 33.40 -24.35 -49.11
C SER I . 34.87 -23.92 -49.14
O SER I . 35.74 -24.57 -48.53
CB SER I . 32.55 -23.40 -49.95
OG SER I . 31.18 -23.63 -49.69
C ACT J . -27.06 45.49 -16.76
O ACT J . -27.10 46.71 -16.83
OXT ACT J . -26.84 44.83 -15.68
CH3 ACT J . -27.29 44.55 -17.99
C ACT K . -22.39 -42.94 1.93
O ACT K . -22.28 -41.79 1.53
OXT ACT K . -21.46 -43.61 2.52
CH3 ACT K . -23.73 -43.76 1.74
C1 EDO L . -21.00 -43.57 6.21
C1 EDO L . -20.95 -42.77 7.73
O1 EDO L . -21.19 -44.93 5.86
O1 EDO L . -21.18 -43.30 6.40
C2 EDO L . -19.79 -43.44 7.13
C2 EDO L . -19.71 -41.89 7.78
O2 EDO L . -19.45 -44.76 7.61
O2 EDO L . -20.03 -40.47 7.72
CAC FLC M . -14.06 -51.26 11.75
CA FLC M . -14.70 -51.33 10.37
CB FLC M . -15.87 -52.30 10.38
CBC FLC M . -17.17 -51.57 10.09
CG FLC M . -15.69 -53.44 9.37
CGC FLC M . -15.16 -52.93 8.05
OA1 FLC M . -13.62 -52.30 12.28
OA2 FLC M . -13.97 -50.17 12.36
OB1 FLC M . -17.26 -50.80 9.10
OB2 FLC M . -18.17 -51.71 10.84
OG1 FLC M . -15.98 -52.56 7.18
OG2 FLC M . -13.93 -52.89 7.81
OHB FLC M . -15.97 -52.91 11.70
MG MG N . -19.99 -45.15 1.56
C ACT O . 10.77 -38.67 0.89
O ACT O . 9.62 -38.76 0.50
OXT ACT O . 11.39 -37.57 1.17
CH3 ACT O . 11.66 -39.90 1.10
CAC FLC P . 14.32 -38.66 19.92
CA FLC P . 13.23 -38.48 20.94
CB FLC P . 12.56 -37.10 20.86
CBC FLC P . 11.17 -37.23 20.24
CG FLC P . 12.39 -36.51 22.27
CGC FLC P . 11.92 -35.07 22.18
OA1 FLC P . 14.15 -38.38 18.72
OA2 FLC P . 15.44 -39.11 20.25
OB1 FLC P . 10.87 -36.59 19.22
OB2 FLC P . 10.31 -37.97 20.77
OG1 FLC P . 12.65 -34.20 21.67
OG2 FLC P . 10.80 -34.74 22.63
OHB FLC P . 13.37 -36.24 20.01
#